data_9BHY
#
_entry.id   9BHY
#
_cell.length_a   56.410
_cell.length_b   74.478
_cell.length_c   75.493
_cell.angle_alpha   85.040
_cell.angle_beta   69.890
_cell.angle_gamma   70.290
#
_symmetry.space_group_name_H-M   'P 1'
#
loop_
_entity.id
_entity.type
_entity.pdbx_description
1 polymer '2,3-dihydroxybenzoate-AMP ligase'
2 non-polymer '2,3-DIHYDROXY-BENZOIC ACID'
3 non-polymer 1,2-ETHANEDIOL
4 water water
#
_entity_poly.entity_id   1
_entity_poly.type   'polypeptide(L)'
_entity_poly.pdbx_seq_one_letter_code
;MGSSHHHHHHSSGLVPRGSHMASMTGGQQMGRGSIMFIEQDIQLGYVPFPKSRAQQYRDEGCWKSQTHFQLLASLKDRFA
QRVAVIQDDKQLTYQQLYDYAIHYGTYLKQQGIRETDFVLLQSPNVIEVFIVIFGLYAIGARPVFCLHGHGSYEIENIAR
QSRAVGFLKLCGSANESTATDVCEEFSKPNFKLWFRESIVSRSSIEASLPQLQGVAPAFNLRAQSESEDIAFLQLSGGTT
GLPKLIPRTHADYIYSIEKSVDVAGLTQDTKQLVVLPVMHNFCMSSPGFLGVFYVGGTVVLSQLTHPRVCFELIEKYQIQ
QVSLVPAIATLWLNAESLKDYDLSSLQVVQVGGAKLLPSLAEQIIDTLQVKLQQVYGMAEGLVNFTHLDDSDQITIQTQG
KKLSHLDEIRIADQDGNALPINAIGHIQTRGPYTINGYYNLPEINQRAFTQDGFYKTGDIGYLDENLNIVVTGREKEQIN
RSGEKITPSEIEEFILQYPSVKDVCVIGVSDDYLGERIKAIIIPKLDDSEINLKNIRKFLISKNIAHFKIPDEIEVVADF
KYTHVGKVNRQKLG
;
_entity_poly.pdbx_strand_id   A,B
#
loop_
_chem_comp.id
_chem_comp.type
_chem_comp.name
_chem_comp.formula
DBH non-polymer '2,3-DIHYDROXY-BENZOIC ACID' 'C7 H6 O4'
EDO non-polymer 1,2-ETHANEDIOL 'C2 H6 O2'
#
# COMPACT_ATOMS: atom_id res chain seq x y z
N MET A 36 -15.51 42.34 12.48
CA MET A 36 -16.24 41.14 12.05
C MET A 36 -15.38 39.90 12.20
N PHE A 37 -16.03 38.76 12.47
CA PHE A 37 -15.31 37.50 12.63
C PHE A 37 -14.52 37.15 11.37
N ILE A 38 -15.07 37.48 10.19
CA ILE A 38 -14.39 37.12 8.95
C ILE A 38 -13.03 37.79 8.84
N GLU A 39 -12.91 39.02 9.35
CA GLU A 39 -11.62 39.70 9.29
C GLU A 39 -10.54 38.89 10.00
N GLN A 40 -10.83 38.43 11.22
CA GLN A 40 -9.87 37.62 11.95
C GLN A 40 -9.66 36.27 11.29
N ASP A 41 -10.73 35.67 10.77
CA ASP A 41 -10.65 34.36 10.13
C ASP A 41 -9.70 34.39 8.93
N ILE A 42 -9.81 35.41 8.08
CA ILE A 42 -8.91 35.53 6.94
C ILE A 42 -7.45 35.52 7.41
N GLN A 43 -7.12 36.36 8.40
CA GLN A 43 -5.76 36.36 8.91
C GLN A 43 -5.34 35.01 9.49
N LEU A 44 -6.29 34.18 9.91
CA LEU A 44 -5.97 32.88 10.47
C LEU A 44 -5.95 31.76 9.43
N GLY A 45 -6.16 32.06 8.15
CA GLY A 45 -6.02 31.08 7.09
C GLY A 45 -7.29 30.76 6.33
N TYR A 46 -8.39 31.47 6.60
CA TYR A 46 -9.61 31.27 5.84
C TYR A 46 -9.56 32.03 4.53
N VAL A 47 -9.84 31.35 3.42
CA VAL A 47 -9.93 31.98 2.11
C VAL A 47 -11.40 32.22 1.81
N PRO A 48 -11.86 33.45 1.71
CA PRO A 48 -13.28 33.73 1.55
C PRO A 48 -13.76 33.64 0.11
N PHE A 49 -15.08 33.61 -0.05
CA PHE A 49 -15.67 33.75 -1.36
C PHE A 49 -15.38 35.14 -1.91
N PRO A 50 -14.96 35.26 -3.17
CA PRO A 50 -14.78 36.60 -3.76
C PRO A 50 -16.08 37.42 -3.70
N LYS A 51 -15.92 38.73 -3.54
CA LYS A 51 -17.08 39.59 -3.30
C LYS A 51 -18.08 39.53 -4.44
N SER A 52 -17.61 39.45 -5.68
CA SER A 52 -18.51 39.33 -6.82
C SER A 52 -19.36 38.07 -6.71
N ARG A 53 -18.71 36.92 -6.55
CA ARG A 53 -19.46 35.67 -6.51
C ARG A 53 -20.39 35.60 -5.31
N ALA A 54 -19.99 36.19 -4.18
CA ALA A 54 -20.84 36.16 -2.99
C ALA A 54 -22.15 36.90 -3.20
N GLN A 55 -22.10 38.02 -3.93
CA GLN A 55 -23.29 38.80 -4.19
C GLN A 55 -24.29 38.03 -5.06
N GLN A 56 -23.80 37.40 -6.13
CA GLN A 56 -24.68 36.58 -6.97
C GLN A 56 -25.39 35.53 -6.12
N TYR A 57 -24.64 34.83 -5.27
CA TYR A 57 -25.23 33.77 -4.45
C TYR A 57 -26.26 34.33 -3.47
N ARG A 58 -26.09 35.58 -3.03
CA ARG A 58 -27.14 36.25 -2.28
C ARG A 58 -28.32 36.61 -3.20
N ASP A 59 -28.02 37.33 -4.28
CA ASP A 59 -29.08 37.82 -5.16
C ASP A 59 -29.95 36.68 -5.67
N GLU A 60 -29.36 35.52 -5.94
CA GLU A 60 -30.11 34.43 -6.55
C GLU A 60 -30.85 33.59 -5.53
N GLY A 61 -30.74 33.87 -4.24
CA GLY A 61 -31.45 33.11 -3.24
C GLY A 61 -30.80 31.82 -2.82
N CYS A 62 -29.53 31.60 -3.16
CA CYS A 62 -28.82 30.44 -2.67
C CYS A 62 -28.53 30.56 -1.18
N TRP A 63 -27.72 31.55 -0.81
CA TRP A 63 -27.37 31.78 0.58
C TRP A 63 -28.56 32.39 1.32
N LYS A 64 -28.97 31.76 2.41
CA LYS A 64 -30.01 32.32 3.27
C LYS A 64 -29.36 32.80 4.58
N SER A 65 -30.19 33.29 5.49
CA SER A 65 -29.71 34.06 6.63
C SER A 65 -29.81 33.31 7.95
N GLN A 66 -29.83 31.98 7.92
CA GLN A 66 -29.91 31.16 9.13
C GLN A 66 -28.59 30.44 9.38
N THR A 67 -28.08 30.56 10.61
CA THR A 67 -27.02 29.67 11.04
C THR A 67 -27.58 28.28 11.32
N HIS A 68 -26.68 27.34 11.63
CA HIS A 68 -27.13 25.98 11.94
C HIS A 68 -28.08 25.97 13.13
N PHE A 69 -27.83 26.82 14.13
CA PHE A 69 -28.66 26.80 15.32
C PHE A 69 -29.97 27.56 15.14
N GLN A 70 -29.96 28.64 14.36
CA GLN A 70 -31.23 29.25 13.98
C GLN A 70 -32.07 28.28 13.16
N LEU A 71 -31.44 27.44 12.35
CA LEU A 71 -32.17 26.39 11.65
C LEU A 71 -32.82 25.42 12.64
N LEU A 72 -32.06 25.00 13.65
CA LEU A 72 -32.59 24.07 14.64
C LEU A 72 -33.77 24.68 15.37
N ALA A 73 -33.62 25.93 15.82
CA ALA A 73 -34.71 26.60 16.53
C ALA A 73 -35.99 26.62 15.70
N SER A 74 -35.88 26.97 14.42
CA SER A 74 -37.06 26.96 13.56
C SER A 74 -37.57 25.54 13.32
N LEU A 75 -36.72 24.52 13.43
CA LEU A 75 -37.19 23.15 13.32
C LEU A 75 -37.97 22.74 14.55
N LYS A 76 -37.50 23.17 15.73
CA LYS A 76 -38.28 22.96 16.93
C LYS A 76 -39.59 23.73 16.87
N ASP A 77 -39.61 24.85 16.13
CA ASP A 77 -40.84 25.62 16.02
C ASP A 77 -41.87 24.88 15.19
N ARG A 78 -41.43 24.19 14.14
CA ARG A 78 -42.34 23.54 13.19
C ARG A 78 -42.63 22.09 13.53
N PHE A 79 -41.67 21.39 14.15
CA PHE A 79 -41.72 19.94 14.31
C PHE A 79 -41.46 19.52 15.76
N ALA A 80 -41.90 20.34 16.72
CA ALA A 80 -41.51 20.18 18.12
C ALA A 80 -41.63 18.74 18.61
N GLN A 81 -42.80 18.12 18.43
CA GLN A 81 -43.06 16.81 19.03
C GLN A 81 -42.79 15.66 18.08
N ARG A 82 -42.30 15.92 16.87
CA ARG A 82 -41.89 14.85 15.97
C ARG A 82 -40.56 14.26 16.42
N VAL A 83 -40.42 12.95 16.22
CA VAL A 83 -39.19 12.25 16.59
C VAL A 83 -38.12 12.60 15.55
N ALA A 84 -36.99 13.10 16.03
CA ALA A 84 -35.88 13.46 15.15
C ALA A 84 -34.86 12.34 15.01
N VAL A 85 -34.59 11.59 16.07
CA VAL A 85 -33.52 10.58 16.09
C VAL A 85 -33.91 9.44 17.00
N ILE A 86 -33.61 8.22 16.57
CA ILE A 86 -33.78 7.01 17.36
C ILE A 86 -32.44 6.27 17.38
N GLN A 87 -32.06 5.73 18.54
CA GLN A 87 -30.85 4.90 18.66
C GLN A 87 -31.08 3.92 19.80
N ASP A 88 -31.43 2.68 19.46
CA ASP A 88 -31.78 1.69 20.48
C ASP A 88 -33.05 2.12 21.19
N ASP A 89 -33.01 2.24 22.51
CA ASP A 89 -34.19 2.67 23.25
C ASP A 89 -34.16 4.16 23.55
N LYS A 90 -33.22 4.89 22.98
CA LYS A 90 -33.14 6.33 23.16
C LYS A 90 -33.74 7.04 21.95
N GLN A 91 -34.33 8.19 22.20
CA GLN A 91 -34.94 8.95 21.12
C GLN A 91 -35.01 10.41 21.53
N LEU A 92 -34.86 11.28 20.54
CA LEU A 92 -34.97 12.72 20.72
C LEU A 92 -36.04 13.24 19.76
N THR A 93 -37.04 13.91 20.31
CA THR A 93 -37.85 14.76 19.45
C THR A 93 -37.08 16.02 19.10
N TYR A 94 -37.65 16.82 18.20
CA TYR A 94 -37.01 18.09 17.84
C TYR A 94 -36.96 19.04 19.02
N GLN A 95 -38.01 19.04 19.85
CA GLN A 95 -38.00 19.86 21.06
C GLN A 95 -36.88 19.43 21.98
N GLN A 96 -36.73 18.12 22.20
CA GLN A 96 -35.70 17.61 23.11
C GLN A 96 -34.30 17.87 22.58
N LEU A 97 -34.11 17.73 21.26
CA LEU A 97 -32.81 18.05 20.69
C LEU A 97 -32.43 19.50 20.99
N TYR A 98 -33.38 20.42 20.78
CA TYR A 98 -33.11 21.84 21.01
C TYR A 98 -32.86 22.14 22.49
N ASP A 99 -33.62 21.49 23.39
CA ASP A 99 -33.43 21.72 24.82
C ASP A 99 -32.08 21.20 25.28
N TYR A 100 -31.76 19.93 24.99
CA TYR A 100 -30.45 19.38 25.36
C TYR A 100 -29.32 20.21 24.76
N ALA A 101 -29.46 20.66 23.51
CA ALA A 101 -28.41 21.47 22.90
C ALA A 101 -28.22 22.78 23.67
N ILE A 102 -29.32 23.47 24.00
CA ILE A 102 -29.25 24.65 24.84
C ILE A 102 -28.52 24.33 26.15
N HIS A 103 -28.97 23.28 26.84
CA HIS A 103 -28.35 22.90 28.09
C HIS A 103 -26.85 22.63 27.91
N TYR A 104 -26.50 21.80 26.93
CA TYR A 104 -25.09 21.46 26.74
C TYR A 104 -24.27 22.66 26.27
N GLY A 105 -24.87 23.55 25.48
CA GLY A 105 -24.18 24.79 25.14
C GLY A 105 -23.91 25.67 26.36
N THR A 106 -24.89 25.77 27.27
CA THR A 106 -24.67 26.51 28.50
C THR A 106 -23.50 25.92 29.27
N TYR A 107 -23.42 24.59 29.33
CA TYR A 107 -22.33 23.93 30.03
C TYR A 107 -20.98 24.25 29.40
N LEU A 108 -20.88 24.13 28.08
CA LEU A 108 -19.63 24.48 27.40
C LEU A 108 -19.25 25.93 27.66
N LYS A 109 -20.23 26.83 27.66
CA LYS A 109 -19.94 28.24 27.93
C LYS A 109 -19.38 28.41 29.33
N GLN A 110 -19.99 27.76 30.32
CA GLN A 110 -19.48 27.84 31.67
C GLN A 110 -18.08 27.24 31.80
N GLN A 111 -17.74 26.28 30.93
CA GLN A 111 -16.42 25.65 30.98
C GLN A 111 -15.34 26.48 30.30
N GLY A 112 -15.70 27.47 29.49
CA GLY A 112 -14.74 28.36 28.87
C GLY A 112 -14.76 28.38 27.37
N ILE A 113 -15.55 27.55 26.70
CA ILE A 113 -15.63 27.61 25.25
C ILE A 113 -16.27 28.94 24.83
N ARG A 114 -15.68 29.57 23.82
CA ARG A 114 -16.08 30.89 23.37
C ARG A 114 -16.52 30.83 21.92
N GLU A 115 -17.26 31.85 21.49
CA GLU A 115 -17.69 31.92 20.11
C GLU A 115 -16.47 31.98 19.19
N THR A 116 -16.52 31.22 18.09
CA THR A 116 -15.49 31.12 17.04
C THR A 116 -14.31 30.25 17.45
N ASP A 117 -14.32 29.68 18.66
CA ASP A 117 -13.32 28.69 19.02
C ASP A 117 -13.53 27.43 18.19
N PHE A 118 -12.45 26.78 17.79
CA PHE A 118 -12.55 25.48 17.15
C PHE A 118 -12.46 24.36 18.19
N VAL A 119 -13.31 23.36 18.03
CA VAL A 119 -13.39 22.23 18.95
C VAL A 119 -13.46 20.96 18.11
N LEU A 120 -12.50 20.05 18.31
CA LEU A 120 -12.53 18.77 17.63
C LEU A 120 -13.63 17.91 18.20
N LEU A 121 -14.36 17.23 17.32
CA LEU A 121 -15.45 16.35 17.71
C LEU A 121 -15.23 15.01 17.02
N GLN A 122 -14.94 13.99 17.82
CA GLN A 122 -14.79 12.62 17.34
C GLN A 122 -15.89 11.79 18.00
N SER A 123 -16.63 11.04 17.19
CA SER A 123 -17.75 10.34 17.78
C SER A 123 -18.19 9.19 16.89
N PRO A 124 -18.58 8.05 17.46
CA PRO A 124 -19.25 7.01 16.67
C PRO A 124 -20.71 7.38 16.46
N ASN A 125 -21.50 6.44 15.95
CA ASN A 125 -22.90 6.73 15.60
C ASN A 125 -23.80 6.57 16.83
N VAL A 126 -23.71 7.55 17.73
CA VAL A 126 -24.52 7.57 18.95
C VAL A 126 -25.40 8.81 18.97
N ILE A 127 -26.50 8.71 19.69
CA ILE A 127 -27.54 9.73 19.62
C ILE A 127 -27.07 11.03 20.27
N GLU A 128 -26.18 10.95 21.26
CA GLU A 128 -25.66 12.15 21.91
C GLU A 128 -24.80 13.01 21.00
N VAL A 129 -24.38 12.50 19.84
CA VAL A 129 -23.55 13.32 18.97
C VAL A 129 -24.35 14.53 18.47
N PHE A 130 -25.66 14.37 18.28
CA PHE A 130 -26.46 15.50 17.80
C PHE A 130 -26.62 16.57 18.86
N ILE A 131 -26.56 16.19 20.14
CA ILE A 131 -26.63 17.17 21.22
C ILE A 131 -25.36 17.99 21.29
N VAL A 132 -24.22 17.33 21.07
CA VAL A 132 -22.93 18.00 21.15
C VAL A 132 -22.69 18.89 19.94
N ILE A 133 -23.10 18.44 18.76
CA ILE A 133 -22.94 19.27 17.57
C ILE A 133 -23.71 20.58 17.74
N PHE A 134 -24.99 20.49 18.06
CA PHE A 134 -25.79 21.70 18.15
C PHE A 134 -25.53 22.47 19.44
N GLY A 135 -25.06 21.80 20.50
CA GLY A 135 -24.57 22.53 21.65
C GLY A 135 -23.45 23.48 21.28
N LEU A 136 -22.50 23.00 20.47
CA LEU A 136 -21.44 23.88 19.97
C LEU A 136 -22.02 24.99 19.09
N TYR A 137 -22.94 24.64 18.18
CA TYR A 137 -23.55 25.65 17.33
C TYR A 137 -24.34 26.67 18.14
N ALA A 138 -24.84 26.28 19.32
CA ALA A 138 -25.68 27.17 20.12
C ALA A 138 -24.89 28.33 20.70
N ILE A 139 -23.60 28.15 20.97
CA ILE A 139 -22.77 29.24 21.46
C ILE A 139 -21.85 29.80 20.38
N GLY A 140 -22.03 29.38 19.13
CA GLY A 140 -21.18 29.86 18.05
C GLY A 140 -19.81 29.21 17.97
N ALA A 141 -19.55 28.19 18.78
CA ALA A 141 -18.31 27.46 18.65
C ALA A 141 -18.31 26.70 17.32
N ARG A 142 -17.12 26.34 16.88
CA ARG A 142 -16.99 25.78 15.54
C ARG A 142 -16.54 24.33 15.61
N PRO A 143 -17.39 23.37 15.31
CA PRO A 143 -16.95 21.98 15.26
C PRO A 143 -15.84 21.77 14.23
N VAL A 144 -14.99 20.79 14.53
CA VAL A 144 -14.03 20.21 13.60
C VAL A 144 -14.36 18.72 13.55
N PHE A 145 -14.97 18.27 12.47
CA PHE A 145 -15.56 16.94 12.42
C PHE A 145 -14.50 15.89 12.13
N CYS A 146 -14.35 14.93 13.05
CA CYS A 146 -13.32 13.90 12.97
C CYS A 146 -13.96 12.52 12.91
N LEU A 147 -13.53 11.72 11.94
CA LEU A 147 -14.06 10.37 11.81
C LEU A 147 -13.74 9.51 13.04
N HIS A 148 -14.75 8.80 13.53
CA HIS A 148 -14.48 7.66 14.39
C HIS A 148 -13.47 6.74 13.72
N GLY A 149 -12.49 6.28 14.48
CA GLY A 149 -11.43 5.45 13.94
C GLY A 149 -10.19 6.20 13.52
N HIS A 150 -10.24 7.53 13.47
CA HIS A 150 -9.01 8.31 13.32
C HIS A 150 -8.18 8.19 14.59
N GLY A 151 -6.88 8.00 14.41
CA GLY A 151 -5.98 7.83 15.54
C GLY A 151 -5.51 9.15 16.12
N SER A 152 -4.71 9.02 17.19
CA SER A 152 -4.11 10.19 17.81
C SER A 152 -3.16 10.91 16.86
N TYR A 153 -2.54 10.16 15.94
CA TYR A 153 -1.69 10.78 14.92
C TYR A 153 -2.48 11.77 14.07
N GLU A 154 -3.70 11.40 13.67
CA GLU A 154 -4.55 12.33 12.93
C GLU A 154 -5.02 13.46 13.83
N ILE A 155 -5.48 13.14 15.04
CA ILE A 155 -5.99 14.14 15.96
C ILE A 155 -4.93 15.21 16.23
N GLU A 156 -3.68 14.80 16.45
CA GLU A 156 -2.63 15.75 16.82
C GLU A 156 -2.43 16.80 15.72
N ASN A 157 -2.32 16.38 14.46
CA ASN A 157 -2.07 17.36 13.41
C ASN A 157 -3.30 18.23 13.15
N ILE A 158 -4.49 17.65 13.25
CA ILE A 158 -5.71 18.44 13.05
C ILE A 158 -5.84 19.49 14.14
N ALA A 159 -5.57 19.10 15.39
CA ALA A 159 -5.64 20.03 16.52
C ALA A 159 -4.69 21.20 16.33
N ARG A 160 -3.45 20.94 15.92
CA ARG A 160 -2.49 22.01 15.70
C ARG A 160 -2.92 22.90 14.55
N GLN A 161 -3.31 22.29 13.42
CA GLN A 161 -3.56 23.08 12.22
C GLN A 161 -4.77 23.98 12.37
N SER A 162 -5.79 23.51 13.09
CA SER A 162 -6.99 24.30 13.33
C SER A 162 -6.86 25.24 14.52
N ARG A 163 -5.77 25.13 15.29
CA ARG A 163 -5.61 25.90 16.54
C ARG A 163 -6.79 25.65 17.49
N ALA A 164 -7.28 24.42 17.51
CA ALA A 164 -8.46 24.11 18.31
C ALA A 164 -8.16 24.26 19.79
N VAL A 165 -9.18 24.70 20.55
CA VAL A 165 -9.05 24.82 21.99
C VAL A 165 -9.64 23.64 22.72
N GLY A 166 -10.38 22.78 22.03
CA GLY A 166 -11.08 21.69 22.69
C GLY A 166 -11.01 20.42 21.85
N PHE A 167 -11.18 19.31 22.54
CA PHE A 167 -11.33 18.00 21.92
C PHE A 167 -12.46 17.32 22.67
N LEU A 168 -13.58 17.12 21.99
CA LEU A 168 -14.71 16.36 22.52
C LEU A 168 -14.72 14.99 21.85
N LYS A 169 -14.67 13.94 22.65
CA LYS A 169 -14.68 12.56 22.16
C LYS A 169 -15.85 11.82 22.79
N LEU A 170 -16.69 11.24 21.95
CA LEU A 170 -17.79 10.40 22.39
C LEU A 170 -17.42 8.92 22.23
N CYS A 171 -17.78 8.12 23.21
CA CYS A 171 -17.41 6.71 23.26
C CYS A 171 -18.67 5.85 23.31
N GLY A 172 -18.72 4.82 22.46
CA GLY A 172 -19.81 3.88 22.51
C GLY A 172 -19.81 2.99 23.74
N SER A 173 -18.74 3.01 24.53
CA SER A 173 -18.64 2.19 25.73
C SER A 173 -17.52 2.73 26.60
N ALA A 174 -17.47 2.23 27.84
CA ALA A 174 -16.46 2.64 28.81
C ALA A 174 -15.09 2.07 28.53
N ASN A 175 -14.93 1.31 27.44
CA ASN A 175 -13.66 0.68 27.11
C ASN A 175 -12.79 1.56 26.24
N GLU A 176 -13.40 2.31 25.32
CA GLU A 176 -12.65 3.10 24.34
C GLU A 176 -11.75 4.11 25.03
N SER A 177 -10.85 4.70 24.22
CA SER A 177 -9.93 5.72 24.71
C SER A 177 -10.68 7.04 24.87
N THR A 178 -10.49 7.67 26.03
CA THR A 178 -11.06 8.98 26.31
C THR A 178 -10.27 10.09 25.61
N ALA A 179 -10.85 11.29 25.60
CA ALA A 179 -10.17 12.42 24.98
C ALA A 179 -8.79 12.64 25.59
N THR A 180 -8.66 12.45 26.91
CA THR A 180 -7.35 12.65 27.53
C THR A 180 -6.40 11.50 27.21
N ASP A 181 -6.90 10.27 27.08
CA ASP A 181 -6.04 9.18 26.65
C ASP A 181 -5.43 9.46 25.28
N VAL A 182 -6.23 9.98 24.36
CA VAL A 182 -5.72 10.29 23.02
C VAL A 182 -4.68 11.40 23.08
N CYS A 183 -4.93 12.42 23.92
CA CYS A 183 -4.00 13.54 24.00
C CYS A 183 -2.71 13.15 24.70
N GLU A 184 -2.75 12.17 25.60
CA GLU A 184 -1.52 11.69 26.21
C GLU A 184 -0.62 10.98 25.21
N GLU A 185 -1.13 10.66 24.02
CA GLU A 185 -0.34 10.01 22.98
C GLU A 185 0.39 10.98 22.06
N PHE A 186 0.04 12.26 22.10
CA PHE A 186 0.69 13.24 21.23
C PHE A 186 2.20 13.16 21.36
N SER A 187 2.90 13.45 20.26
CA SER A 187 4.36 13.50 20.31
C SER A 187 4.84 14.81 20.92
N LYS A 188 4.14 15.90 20.63
CA LYS A 188 4.41 17.21 21.20
C LYS A 188 3.25 17.61 22.11
N PRO A 189 3.53 18.34 23.19
CA PRO A 189 2.45 18.92 23.97
C PRO A 189 1.65 19.89 23.11
N ASN A 190 0.37 20.02 23.43
CA ASN A 190 -0.48 21.03 22.81
C ASN A 190 -1.15 21.76 23.96
N PHE A 191 -0.53 22.85 24.41
CA PHE A 191 -1.06 23.56 25.57
C PHE A 191 -2.36 24.27 25.26
N LYS A 192 -2.53 24.80 24.04
CA LYS A 192 -3.71 25.58 23.73
C LYS A 192 -4.98 24.73 23.64
N LEU A 193 -4.83 23.43 23.35
CA LEU A 193 -5.95 22.48 23.39
C LEU A 193 -6.17 22.06 24.84
N TRP A 194 -6.81 22.94 25.60
CA TRP A 194 -6.93 22.76 27.05
C TRP A 194 -8.25 22.11 27.47
N PHE A 195 -9.26 22.07 26.60
CA PHE A 195 -10.55 21.47 26.92
C PHE A 195 -10.60 20.06 26.33
N ARG A 196 -10.63 19.04 27.20
CA ARG A 196 -10.54 17.64 26.79
C ARG A 196 -11.62 16.87 27.53
N GLU A 197 -12.74 16.65 26.86
CA GLU A 197 -13.91 16.06 27.49
C GLU A 197 -14.32 14.80 26.75
N SER A 198 -14.73 13.80 27.52
CA SER A 198 -15.21 12.54 27.00
C SER A 198 -16.65 12.32 27.44
N ILE A 199 -17.44 11.74 26.54
CA ILE A 199 -18.81 11.37 26.81
C ILE A 199 -18.93 9.89 26.50
N VAL A 200 -19.41 9.11 27.47
CA VAL A 200 -19.70 7.71 27.26
C VAL A 200 -21.19 7.58 26.98
N SER A 201 -21.52 7.03 25.81
CA SER A 201 -22.92 6.77 25.47
C SER A 201 -23.46 5.60 26.28
N ARG A 202 -24.45 5.86 27.12
CA ARG A 202 -25.03 4.85 28.00
C ARG A 202 -26.48 4.53 27.58
N SER A 203 -27.18 3.76 28.41
CA SER A 203 -28.50 3.26 28.02
C SER A 203 -29.55 4.35 27.97
N SER A 204 -29.35 5.48 28.64
CA SER A 204 -30.27 6.62 28.57
C SER A 204 -29.48 7.89 28.27
N ILE A 205 -30.15 8.85 27.62
CA ILE A 205 -29.48 10.12 27.32
C ILE A 205 -29.12 10.86 28.61
N GLU A 206 -30.03 10.86 29.58
CA GLU A 206 -29.78 11.61 30.81
C GLU A 206 -28.54 11.11 31.53
N ALA A 207 -28.30 9.79 31.50
CA ALA A 207 -27.11 9.22 32.11
C ALA A 207 -25.86 9.41 31.24
N SER A 208 -26.02 9.73 29.95
CA SER A 208 -24.87 10.00 29.11
C SER A 208 -24.26 11.37 29.38
N LEU A 209 -25.08 12.33 29.83
CA LEU A 209 -24.67 13.71 30.02
C LEU A 209 -24.81 14.10 31.49
N PRO A 210 -24.09 13.42 32.39
CA PRO A 210 -24.20 13.76 33.80
C PRO A 210 -23.74 15.16 34.11
N GLN A 211 -22.81 15.71 33.31
CA GLN A 211 -22.31 17.05 33.57
C GLN A 211 -23.38 18.11 33.40
N LEU A 212 -24.51 17.78 32.78
CA LEU A 212 -25.63 18.72 32.72
C LEU A 212 -26.40 18.78 34.03
N GLN A 213 -26.15 17.85 34.96
CA GLN A 213 -26.95 17.78 36.18
C GLN A 213 -26.77 18.99 37.07
N GLY A 214 -25.60 19.63 37.03
CA GLY A 214 -25.35 20.77 37.89
C GLY A 214 -25.30 22.09 37.14
N VAL A 215 -26.02 22.18 36.03
CA VAL A 215 -26.02 23.34 35.15
C VAL A 215 -27.46 23.74 34.86
N ALA A 216 -27.78 25.01 35.08
CA ALA A 216 -29.10 25.52 34.74
C ALA A 216 -29.10 26.01 33.29
N PRO A 217 -30.00 25.53 32.43
CA PRO A 217 -29.96 25.95 31.03
C PRO A 217 -30.13 27.45 30.90
N ALA A 218 -29.38 28.05 29.98
CA ALA A 218 -29.46 29.48 29.73
C ALA A 218 -30.44 29.79 28.60
N ASN A 220 -30.71 32.70 27.83
CA ASN A 220 -31.00 32.91 26.42
C ASN A 220 -29.74 33.02 25.59
N LEU A 221 -28.93 31.96 25.61
CA LEU A 221 -27.67 31.86 24.85
C LEU A 221 -27.82 32.53 23.50
N ARG A 222 -26.93 33.49 23.24
CA ARG A 222 -27.01 34.36 22.07
C ARG A 222 -25.64 34.46 21.42
N ALA A 223 -25.44 33.73 20.33
CA ALA A 223 -24.27 33.88 19.48
C ALA A 223 -24.52 35.00 18.47
N GLN A 224 -23.44 35.70 18.10
CA GLN A 224 -23.51 36.77 17.10
C GLN A 224 -23.00 36.34 15.72
N SER A 225 -22.67 35.07 15.53
CA SER A 225 -22.25 34.61 14.21
C SER A 225 -23.35 34.86 13.20
N GLU A 226 -22.97 35.21 11.99
CA GLU A 226 -23.93 35.31 10.89
C GLU A 226 -23.87 34.05 10.02
N SER A 227 -24.89 33.88 9.18
CA SER A 227 -24.94 32.69 8.33
C SER A 227 -23.71 32.58 7.44
N GLU A 228 -23.17 33.72 7.00
CA GLU A 228 -21.99 33.71 6.14
C GLU A 228 -20.68 33.56 6.91
N ASP A 229 -20.74 33.46 8.24
CA ASP A 229 -19.56 33.14 9.02
C ASP A 229 -19.23 31.65 8.90
N ILE A 230 -17.98 31.32 9.20
CA ILE A 230 -17.55 29.93 9.19
C ILE A 230 -18.34 29.16 10.22
N ALA A 231 -18.89 28.02 9.82
CA ALA A 231 -19.65 27.17 10.73
C ALA A 231 -18.82 26.03 11.31
N PHE A 232 -17.93 25.43 10.53
CA PHE A 232 -17.21 24.26 11.00
C PHE A 232 -16.08 23.93 10.04
N LEU A 233 -15.21 23.02 10.47
CA LEU A 233 -14.18 22.45 9.62
C LEU A 233 -14.48 20.97 9.39
N GLN A 234 -14.51 20.57 8.14
CA GLN A 234 -14.54 19.16 7.77
C GLN A 234 -13.12 18.71 7.39
N LEU A 235 -12.98 17.41 7.17
CA LEU A 235 -11.70 16.84 6.77
C LEU A 235 -11.81 16.30 5.35
N SER A 236 -10.75 16.49 4.56
CA SER A 236 -10.71 15.93 3.23
C SER A 236 -10.47 14.42 3.30
N GLY A 237 -10.61 13.76 2.14
CA GLY A 237 -10.33 12.34 2.06
C GLY A 237 -8.93 12.02 2.54
N GLY A 238 -8.81 11.17 3.56
CA GLY A 238 -7.51 10.89 4.16
C GLY A 238 -6.85 9.58 3.75
N THR A 239 -7.00 9.20 2.49
CA THR A 239 -6.41 7.95 2.02
C THR A 239 -4.92 8.08 1.73
N THR A 240 -4.45 9.28 1.39
CA THR A 240 -3.05 9.45 0.98
C THR A 240 -2.19 10.13 2.03
N GLY A 241 -2.78 10.65 3.10
CA GLY A 241 -2.00 11.36 4.09
C GLY A 241 -2.89 12.10 5.06
N LEU A 242 -2.27 13.00 5.82
CA LEU A 242 -2.97 13.72 6.86
C LEU A 242 -4.13 14.53 6.26
N PRO A 243 -5.33 14.44 6.82
CA PRO A 243 -6.46 15.15 6.22
C PRO A 243 -6.28 16.66 6.28
N LYS A 244 -6.85 17.35 5.28
CA LYS A 244 -6.81 18.80 5.19
C LYS A 244 -8.11 19.38 5.73
N LEU A 245 -8.00 20.57 6.30
CA LEU A 245 -9.15 21.23 6.92
C LEU A 245 -9.96 21.98 5.88
N ILE A 246 -11.28 21.82 5.94
CA ILE A 246 -12.22 22.36 4.96
C ILE A 246 -13.18 23.30 5.67
N PRO A 247 -13.11 24.61 5.43
CA PRO A 247 -14.03 25.52 6.11
C PRO A 247 -15.34 25.71 5.36
N ARG A 248 -16.47 25.44 6.00
CA ARG A 248 -17.78 25.66 5.41
C ARG A 248 -18.52 26.71 6.22
N THR A 249 -19.25 27.58 5.55
CA THR A 249 -20.09 28.55 6.24
C THR A 249 -21.49 27.96 6.46
N HIS A 250 -22.24 28.58 7.35
CA HIS A 250 -23.63 28.13 7.55
C HIS A 250 -24.41 28.23 6.27
N ALA A 251 -24.40 29.41 5.64
CA ALA A 251 -25.26 29.67 4.49
C ALA A 251 -24.99 28.68 3.37
N ASP A 252 -23.73 28.42 3.06
CA ASP A 252 -23.45 27.59 1.91
C ASP A 252 -23.69 26.11 2.22
N TYR A 253 -23.38 25.67 3.44
CA TYR A 253 -23.68 24.29 3.81
C TYR A 253 -25.18 24.03 3.89
N ILE A 254 -25.94 24.95 4.48
CA ILE A 254 -27.38 24.73 4.57
C ILE A 254 -28.02 24.81 3.20
N TYR A 255 -27.45 25.62 2.29
CA TYR A 255 -27.95 25.64 0.92
C TYR A 255 -27.76 24.28 0.27
N SER A 256 -26.57 23.69 0.42
CA SER A 256 -26.36 22.36 -0.13
C SER A 256 -27.34 21.36 0.45
N ILE A 257 -27.69 21.50 1.74
CA ILE A 257 -28.63 20.58 2.35
C ILE A 257 -30.03 20.79 1.76
N GLU A 258 -30.44 22.04 1.62
CA GLU A 258 -31.74 22.31 1.01
C GLU A 258 -31.86 21.65 -0.36
N LYS A 259 -30.82 21.77 -1.19
CA LYS A 259 -30.86 21.18 -2.53
C LYS A 259 -30.87 19.66 -2.47
N SER A 260 -30.04 19.07 -1.61
CA SER A 260 -30.04 17.62 -1.44
C SER A 260 -31.40 17.09 -1.02
N VAL A 261 -32.09 17.83 -0.13
CA VAL A 261 -33.41 17.41 0.31
C VAL A 261 -34.35 17.29 -0.87
N ASP A 262 -34.32 18.28 -1.79
CA ASP A 262 -35.21 18.25 -2.96
C ASP A 262 -34.92 17.05 -3.85
N VAL A 263 -33.64 16.77 -4.12
CA VAL A 263 -33.35 15.74 -5.09
C VAL A 263 -33.48 14.34 -4.47
N ALA A 264 -33.24 14.19 -3.17
CA ALA A 264 -33.52 12.90 -2.54
C ALA A 264 -35.00 12.69 -2.22
N GLY A 265 -35.84 13.71 -2.40
CA GLY A 265 -37.27 13.55 -2.16
C GLY A 265 -37.69 13.43 -0.71
N LEU A 266 -36.91 14.00 0.22
CA LEU A 266 -37.22 13.82 1.63
C LEU A 266 -38.48 14.60 2.02
N THR A 267 -39.25 14.03 2.95
CA THR A 267 -40.40 14.69 3.55
C THR A 267 -40.44 14.36 5.03
N GLN A 268 -41.38 15.01 5.72
CA GLN A 268 -41.51 14.81 7.15
C GLN A 268 -41.85 13.38 7.53
N ASP A 269 -42.34 12.58 6.58
CA ASP A 269 -42.57 11.16 6.81
C ASP A 269 -41.34 10.31 6.49
N THR A 270 -40.29 10.90 5.95
CA THR A 270 -39.09 10.12 5.64
C THR A 270 -38.47 9.56 6.92
N LYS A 271 -38.16 8.27 6.89
CA LYS A 271 -37.32 7.64 7.90
C LYS A 271 -36.06 7.13 7.24
N GLN A 272 -34.91 7.58 7.72
CA GLN A 272 -33.63 7.28 7.10
C GLN A 272 -32.79 6.46 8.06
N LEU A 273 -32.12 5.44 7.53
CA LEU A 273 -31.18 4.64 8.29
C LEU A 273 -29.78 5.19 8.09
N VAL A 274 -29.05 5.38 9.19
CA VAL A 274 -27.69 5.90 9.16
C VAL A 274 -26.75 4.76 9.52
N VAL A 275 -25.90 4.37 8.57
CA VAL A 275 -24.93 3.30 8.79
C VAL A 275 -23.52 3.85 8.56
N LEU A 276 -23.41 4.87 7.70
CA LEU A 276 -22.12 5.52 7.49
C LEU A 276 -21.73 6.35 8.71
N PRO A 277 -20.44 6.69 8.83
CA PRO A 277 -19.99 7.53 9.96
C PRO A 277 -20.73 8.86 9.98
N VAL A 278 -21.32 9.18 11.13
CA VAL A 278 -22.04 10.45 11.28
C VAL A 278 -21.14 11.63 10.99
N MET A 279 -19.84 11.50 11.28
CA MET A 279 -18.90 12.61 11.13
C MET A 279 -18.53 12.90 9.68
N HIS A 280 -18.95 12.06 8.74
CA HIS A 280 -18.57 12.20 7.34
C HIS A 280 -19.58 13.06 6.58
N ASN A 281 -19.08 13.83 5.62
CA ASN A 281 -19.92 14.78 4.88
C ASN A 281 -21.10 14.09 4.19
N PHE A 282 -20.86 12.91 3.59
CA PHE A 282 -21.93 12.16 2.94
C PHE A 282 -23.09 11.90 3.91
N CYS A 283 -22.78 11.26 5.02
CA CYS A 283 -23.78 10.95 6.03
C CYS A 283 -24.37 12.22 6.63
N MET A 284 -23.64 13.33 6.60
CA MET A 284 -24.15 14.54 7.23
C MET A 284 -25.14 15.28 6.34
N SER A 285 -24.95 15.27 5.03
CA SER A 285 -25.72 16.22 4.21
C SER A 285 -26.06 15.78 2.79
N SER A 286 -25.88 14.52 2.40
CA SER A 286 -26.09 14.11 1.01
C SER A 286 -27.04 12.91 0.91
N PRO A 287 -28.30 13.07 1.34
CA PRO A 287 -28.85 14.28 1.96
C PRO A 287 -28.59 14.30 3.46
N GLY A 288 -28.24 13.16 4.02
CA GLY A 288 -27.72 13.08 5.37
C GLY A 288 -28.79 13.25 6.44
N PHE A 289 -28.35 13.15 7.69
CA PHE A 289 -29.27 13.35 8.81
C PHE A 289 -29.69 14.80 8.93
N LEU A 290 -28.89 15.74 8.42
CA LEU A 290 -29.31 17.13 8.43
C LEU A 290 -30.43 17.36 7.41
N GLY A 291 -30.40 16.66 6.28
CA GLY A 291 -31.51 16.73 5.34
C GLY A 291 -32.81 16.24 5.94
N VAL A 292 -32.75 15.13 6.68
CA VAL A 292 -33.95 14.63 7.36
C VAL A 292 -34.43 15.62 8.42
N PHE A 293 -33.53 16.10 9.27
CA PHE A 293 -33.89 17.14 10.23
C PHE A 293 -34.58 18.30 9.55
N TYR A 294 -34.01 18.75 8.43
CA TYR A 294 -34.53 19.88 7.66
C TYR A 294 -36.00 19.72 7.29
N VAL A 295 -36.48 18.49 7.11
CA VAL A 295 -37.86 18.23 6.72
C VAL A 295 -38.68 17.67 7.87
N GLY A 296 -38.12 17.55 9.06
CA GLY A 296 -38.85 16.99 10.17
C GLY A 296 -39.05 15.50 10.12
N GLY A 297 -38.19 14.78 9.42
CA GLY A 297 -38.24 13.32 9.40
C GLY A 297 -37.48 12.74 10.58
N THR A 298 -37.27 11.43 10.51
CA THR A 298 -36.65 10.68 11.60
C THR A 298 -35.40 9.98 11.11
N VAL A 299 -34.33 10.10 11.88
CA VAL A 299 -33.07 9.42 11.64
C VAL A 299 -33.00 8.22 12.57
N VAL A 300 -32.63 7.06 12.03
CA VAL A 300 -32.43 5.87 12.85
C VAL A 300 -30.95 5.54 12.85
N LEU A 301 -30.34 5.62 14.03
CA LEU A 301 -28.90 5.47 14.20
C LEU A 301 -28.57 4.02 14.51
N SER A 302 -27.69 3.43 13.72
CA SER A 302 -27.11 2.13 14.05
C SER A 302 -25.60 2.32 14.19
N GLN A 303 -25.06 1.80 15.29
CA GLN A 303 -23.61 1.70 15.43
C GLN A 303 -23.01 0.68 14.46
N LEU A 304 -23.83 -0.09 13.77
CA LEU A 304 -23.36 -1.28 13.06
C LEU A 304 -23.76 -1.24 11.59
N THR A 305 -22.91 -1.86 10.77
CA THR A 305 -23.21 -2.14 9.38
C THR A 305 -23.66 -3.59 9.16
N HIS A 306 -23.61 -4.42 10.19
CA HIS A 306 -23.91 -5.84 10.05
C HIS A 306 -25.28 -6.02 9.39
N PRO A 307 -25.37 -6.87 8.36
CA PRO A 307 -26.65 -7.01 7.62
C PRO A 307 -27.88 -7.26 8.49
N ARG A 308 -27.85 -8.29 9.35
CA ARG A 308 -29.05 -8.65 10.09
C ARG A 308 -29.55 -7.49 10.95
N VAL A 309 -28.65 -6.76 11.61
CA VAL A 309 -29.06 -5.62 12.43
C VAL A 309 -29.79 -4.59 11.58
N CYS A 310 -29.19 -4.20 10.46
CA CYS A 310 -29.77 -3.16 9.61
C CYS A 310 -31.09 -3.58 9.01
N PHE A 311 -31.18 -4.83 8.52
CA PHE A 311 -32.43 -5.34 7.99
C PHE A 311 -33.53 -5.28 9.05
N GLU A 312 -33.19 -5.63 10.30
CA GLU A 312 -34.18 -5.60 11.36
C GLU A 312 -34.69 -4.18 11.62
N LEU A 313 -33.78 -3.20 11.62
CA LEU A 313 -34.21 -1.83 11.84
C LEU A 313 -35.05 -1.31 10.68
N ILE A 314 -34.70 -1.71 9.45
CA ILE A 314 -35.49 -1.31 8.28
C ILE A 314 -36.92 -1.83 8.40
N GLU A 315 -37.05 -3.11 8.76
CA GLU A 315 -38.37 -3.71 9.00
C GLU A 315 -39.07 -3.05 10.18
N LYS A 316 -38.37 -2.87 11.29
CA LYS A 316 -38.99 -2.33 12.49
C LYS A 316 -39.54 -0.93 12.26
N TYR A 317 -38.75 -0.05 11.63
CA TYR A 317 -39.09 1.36 11.52
C TYR A 317 -39.62 1.74 10.14
N GLN A 318 -39.85 0.75 9.27
CA GLN A 318 -40.33 0.99 7.91
C GLN A 318 -39.47 2.07 7.23
N ILE A 319 -38.15 1.87 7.31
CA ILE A 319 -37.21 2.81 6.73
C ILE A 319 -37.40 2.88 5.21
N GLN A 320 -37.40 4.11 4.68
CA GLN A 320 -37.58 4.32 3.25
C GLN A 320 -36.30 4.68 2.52
N GLN A 321 -35.28 5.19 3.21
CA GLN A 321 -34.05 5.64 2.56
C GLN A 321 -32.84 5.23 3.37
N VAL A 322 -31.75 4.93 2.66
CA VAL A 322 -30.45 4.70 3.30
C VAL A 322 -29.36 5.09 2.32
N SER A 323 -28.27 5.64 2.85
CA SER A 323 -27.07 5.97 2.10
C SER A 323 -26.01 4.92 2.36
N LEU A 324 -25.39 4.40 1.29
CA LEU A 324 -24.39 3.35 1.39
C LEU A 324 -23.17 3.71 0.54
N VAL A 325 -22.11 2.92 0.71
CA VAL A 325 -20.99 2.87 -0.22
C VAL A 325 -21.01 1.48 -0.83
N PRO A 326 -20.35 1.25 -1.97
CA PRO A 326 -20.41 -0.08 -2.61
C PRO A 326 -20.05 -1.23 -1.69
N ALA A 327 -19.05 -1.09 -0.82
CA ALA A 327 -18.64 -2.19 0.02
C ALA A 327 -19.75 -2.62 0.99
N ILE A 328 -20.61 -1.69 1.40
CA ILE A 328 -21.69 -2.09 2.30
C ILE A 328 -22.81 -2.75 1.50
N ALA A 329 -23.08 -2.23 0.30
CA ALA A 329 -24.12 -2.82 -0.56
C ALA A 329 -23.76 -4.26 -0.93
N THR A 330 -22.48 -4.51 -1.22
CA THR A 330 -22.04 -5.87 -1.48
C THR A 330 -22.29 -6.77 -0.28
N LEU A 331 -21.97 -6.27 0.91
CA LEU A 331 -22.21 -7.04 2.13
C LEU A 331 -23.69 -7.35 2.30
N TRP A 332 -24.57 -6.38 2.05
CA TRP A 332 -26.01 -6.61 2.20
C TRP A 332 -26.53 -7.58 1.15
N LEU A 333 -26.12 -7.41 -0.11
CA LEU A 333 -26.67 -8.21 -1.19
C LEU A 333 -26.25 -9.67 -1.10
N ASN A 334 -25.14 -9.95 -0.43
CA ASN A 334 -24.64 -11.32 -0.34
C ASN A 334 -24.96 -11.98 0.98
N ALA A 335 -25.64 -11.26 1.89
CA ALA A 335 -26.10 -11.88 3.12
C ALA A 335 -27.22 -12.89 2.81
N GLU A 336 -27.13 -14.07 3.41
CA GLU A 336 -28.19 -15.04 3.25
C GLU A 336 -29.41 -14.72 4.12
N SER A 337 -29.29 -13.74 5.02
CA SER A 337 -30.40 -13.28 5.82
C SER A 337 -31.33 -12.35 5.08
N LEU A 338 -30.94 -11.90 3.88
CA LEU A 338 -31.72 -10.93 3.12
C LEU A 338 -33.19 -11.33 3.04
N LYS A 339 -33.47 -12.62 2.84
CA LYS A 339 -34.85 -13.04 2.64
C LYS A 339 -35.65 -13.16 3.92
N ASP A 340 -35.03 -12.96 5.08
CA ASP A 340 -35.70 -13.20 6.36
C ASP A 340 -36.42 -11.98 6.92
N TYR A 341 -36.37 -10.84 6.24
CA TYR A 341 -36.91 -9.59 6.76
C TYR A 341 -37.77 -8.92 5.69
N ASP A 342 -38.73 -8.14 6.15
CA ASP A 342 -39.59 -7.36 5.25
C ASP A 342 -38.91 -6.02 5.00
N LEU A 343 -38.25 -5.90 3.84
CA LEU A 343 -37.63 -4.66 3.42
C LEU A 343 -38.50 -3.89 2.44
N SER A 344 -39.81 -4.12 2.48
CA SER A 344 -40.72 -3.55 1.50
C SER A 344 -40.73 -2.02 1.53
N SER A 345 -40.44 -1.41 2.69
CA SER A 345 -40.56 0.04 2.80
C SER A 345 -39.43 0.78 2.09
N LEU A 346 -38.31 0.12 1.81
CA LEU A 346 -37.20 0.77 1.12
C LEU A 346 -37.67 1.37 -0.21
N GLN A 347 -37.32 2.63 -0.44
CA GLN A 347 -37.69 3.30 -1.69
C GLN A 347 -36.47 3.77 -2.47
N VAL A 348 -35.48 4.34 -1.81
CA VAL A 348 -34.30 4.90 -2.46
C VAL A 348 -33.07 4.53 -1.66
N VAL A 349 -32.02 4.14 -2.36
CA VAL A 349 -30.71 3.87 -1.76
C VAL A 349 -29.71 4.78 -2.45
N GLN A 350 -29.09 5.68 -1.68
CA GLN A 350 -27.96 6.44 -2.18
C GLN A 350 -26.71 5.57 -2.10
N VAL A 351 -25.88 5.65 -3.13
CA VAL A 351 -24.57 5.02 -3.12
C VAL A 351 -23.56 6.06 -3.59
N GLY A 352 -22.59 6.37 -2.73
CA GLY A 352 -21.62 7.41 -3.00
C GLY A 352 -20.21 6.87 -2.94
N GLY A 353 -19.27 7.69 -3.40
CA GLY A 353 -17.89 7.28 -3.62
C GLY A 353 -17.50 7.23 -5.08
N ALA A 354 -18.46 7.32 -6.01
CA ALA A 354 -18.20 7.33 -7.46
C ALA A 354 -17.42 6.10 -7.92
N LYS A 355 -17.48 4.99 -7.17
CA LYS A 355 -16.74 3.77 -7.51
C LYS A 355 -17.69 2.56 -7.55
N LEU A 356 -18.89 2.76 -8.08
CA LEU A 356 -19.93 1.75 -8.11
C LEU A 356 -19.95 1.07 -9.48
N LEU A 357 -19.66 -0.23 -9.51
CA LEU A 357 -19.65 -0.96 -10.75
C LEU A 357 -21.08 -1.12 -11.29
N PRO A 358 -21.30 -0.92 -12.59
CA PRO A 358 -22.65 -1.11 -13.15
C PRO A 358 -23.29 -2.45 -12.80
N SER A 359 -22.50 -3.52 -12.72
CA SER A 359 -23.09 -4.82 -12.39
C SER A 359 -23.68 -4.81 -10.99
N LEU A 360 -23.00 -4.16 -10.04
CA LEU A 360 -23.51 -4.10 -8.67
C LEU A 360 -24.68 -3.12 -8.55
N ALA A 361 -24.62 -2.00 -9.27
CA ALA A 361 -25.74 -1.07 -9.33
C ALA A 361 -27.03 -1.79 -9.72
N GLU A 362 -26.98 -2.56 -10.82
CA GLU A 362 -28.17 -3.29 -11.25
C GLU A 362 -28.57 -4.34 -10.22
N GLN A 363 -27.60 -4.97 -9.56
CA GLN A 363 -27.96 -5.91 -8.50
C GLN A 363 -28.66 -5.20 -7.36
N ILE A 364 -28.19 -4.00 -7.01
CA ILE A 364 -28.85 -3.23 -5.95
C ILE A 364 -30.29 -2.96 -6.31
N ILE A 365 -30.53 -2.44 -7.52
CA ILE A 365 -31.89 -2.07 -7.93
C ILE A 365 -32.81 -3.28 -7.87
N ASP A 366 -32.39 -4.40 -8.46
CA ASP A 366 -33.32 -5.52 -8.64
C ASP A 366 -33.48 -6.32 -7.36
N THR A 367 -32.42 -6.47 -6.58
CA THR A 367 -32.50 -7.27 -5.37
C THR A 367 -33.26 -6.53 -4.26
N LEU A 368 -32.99 -5.24 -4.06
CA LEU A 368 -33.70 -4.51 -3.03
C LEU A 368 -34.99 -3.86 -3.55
N GLN A 369 -35.19 -3.84 -4.87
CA GLN A 369 -36.38 -3.25 -5.48
C GLN A 369 -36.54 -1.80 -5.04
N VAL A 370 -35.50 -1.02 -5.29
CA VAL A 370 -35.43 0.39 -4.91
C VAL A 370 -35.04 1.20 -6.14
N LYS A 371 -35.23 2.51 -6.03
CA LYS A 371 -34.61 3.44 -6.97
C LYS A 371 -33.18 3.69 -6.51
N LEU A 372 -32.21 3.33 -7.35
CA LEU A 372 -30.84 3.68 -7.04
C LEU A 372 -30.63 5.17 -7.27
N GLN A 373 -29.85 5.79 -6.39
CA GLN A 373 -29.46 7.19 -6.53
C GLN A 373 -27.96 7.28 -6.31
N GLN A 374 -27.19 7.51 -7.37
CA GLN A 374 -25.75 7.64 -7.24
C GLN A 374 -25.41 9.06 -6.82
N VAL A 375 -24.38 9.18 -5.97
CA VAL A 375 -23.95 10.45 -5.41
C VAL A 375 -22.45 10.58 -5.62
N TYR A 376 -22.04 11.57 -6.39
CA TYR A 376 -20.63 11.92 -6.49
C TYR A 376 -20.46 13.27 -5.79
N GLY A 377 -19.81 13.25 -4.63
CA GLY A 377 -19.63 14.44 -3.85
C GLY A 377 -18.26 14.48 -3.19
N MET A 378 -18.00 15.57 -2.49
CA MET A 378 -16.74 15.77 -1.81
C MET A 378 -16.97 16.75 -0.67
N ALA A 379 -16.25 16.56 0.43
CA ALA A 379 -16.36 17.49 1.56
C ALA A 379 -16.05 18.91 1.14
N GLU A 380 -15.17 19.09 0.15
CA GLU A 380 -14.78 20.42 -0.32
C GLU A 380 -15.92 21.20 -0.94
N GLY A 381 -16.98 20.52 -1.39
CA GLY A 381 -18.12 21.26 -1.89
C GLY A 381 -19.05 20.48 -2.78
N LEU A 382 -18.79 20.53 -4.08
CA LEU A 382 -19.71 20.02 -5.09
C LEU A 382 -20.28 18.65 -4.74
N VAL A 383 -21.57 18.49 -4.98
CA VAL A 383 -22.25 17.21 -4.88
C VAL A 383 -23.11 17.01 -6.12
N ASN A 384 -23.12 15.78 -6.64
CA ASN A 384 -23.94 15.40 -7.79
C ASN A 384 -24.80 14.22 -7.42
N PHE A 385 -26.08 14.30 -7.76
CA PHE A 385 -27.05 13.24 -7.54
C PHE A 385 -27.68 12.83 -8.87
N THR A 386 -27.91 11.53 -9.05
CA THR A 386 -28.90 11.13 -10.03
C THR A 386 -30.30 11.41 -9.46
N HIS A 387 -31.26 11.63 -10.36
CA HIS A 387 -32.59 12.07 -9.96
C HIS A 387 -33.57 10.90 -9.85
N LEU A 388 -34.61 11.11 -9.05
CA LEU A 388 -35.55 10.03 -8.77
C LEU A 388 -36.38 9.66 -10.01
N ASP A 389 -36.56 10.59 -10.94
CA ASP A 389 -37.26 10.25 -12.18
C ASP A 389 -36.31 9.85 -13.30
N ASP A 390 -35.04 9.61 -12.99
CA ASP A 390 -34.09 9.15 -14.00
C ASP A 390 -34.34 7.69 -14.33
N SER A 391 -34.10 7.35 -15.60
CA SER A 391 -34.13 5.95 -15.99
C SER A 391 -33.14 5.15 -15.14
N ASP A 392 -33.44 3.86 -14.96
CA ASP A 392 -32.51 3.02 -14.22
C ASP A 392 -31.13 2.99 -14.87
N GLN A 393 -31.06 3.06 -16.20
CA GLN A 393 -29.77 3.04 -16.87
C GLN A 393 -28.92 4.25 -16.46
N ILE A 394 -29.53 5.43 -16.41
CA ILE A 394 -28.80 6.62 -15.99
C ILE A 394 -28.28 6.47 -14.57
N THR A 395 -29.12 5.95 -13.67
CA THR A 395 -28.66 5.74 -12.30
C THR A 395 -27.58 4.66 -12.23
N ILE A 396 -27.55 3.75 -13.19
CA ILE A 396 -26.53 2.71 -13.20
C ILE A 396 -25.21 3.24 -13.73
N GLN A 397 -25.26 4.11 -14.74
CA GLN A 397 -24.09 4.50 -15.53
C GLN A 397 -23.48 5.84 -15.13
N THR A 398 -24.13 6.64 -14.30
CA THR A 398 -23.65 8.00 -14.05
C THR A 398 -23.83 8.38 -12.59
N GLN A 399 -23.26 9.53 -12.23
CA GLN A 399 -23.42 10.12 -10.92
C GLN A 399 -24.22 11.42 -10.96
N GLY A 400 -24.98 11.63 -12.04
CA GLY A 400 -26.06 12.59 -12.02
C GLY A 400 -25.63 14.04 -12.18
N LYS A 401 -26.41 14.93 -11.58
CA LYS A 401 -26.35 16.36 -11.85
C LYS A 401 -25.97 17.14 -10.61
N LYS A 402 -25.16 18.17 -10.81
CA LYS A 402 -24.75 19.07 -9.73
C LYS A 402 -25.97 19.60 -8.97
N LEU A 403 -25.76 19.93 -7.69
CA LEU A 403 -26.87 20.39 -6.85
C LEU A 403 -27.41 21.74 -7.31
N SER A 404 -26.53 22.67 -7.68
CA SER A 404 -26.94 24.04 -7.95
C SER A 404 -26.77 24.38 -9.42
N HIS A 405 -27.75 25.09 -9.97
CA HIS A 405 -27.58 25.64 -11.30
C HIS A 405 -26.48 26.67 -11.36
N LEU A 406 -26.02 27.16 -10.21
CA LEU A 406 -24.83 28.00 -10.13
C LEU A 406 -23.56 27.20 -9.89
N ASP A 407 -23.66 25.90 -9.65
CA ASP A 407 -22.49 25.03 -9.69
C ASP A 407 -21.87 25.07 -11.08
N GLU A 408 -20.54 25.16 -11.14
CA GLU A 408 -19.79 25.20 -12.40
C GLU A 408 -18.84 24.03 -12.44
N ILE A 409 -18.94 23.20 -13.47
CA ILE A 409 -18.11 22.02 -13.63
C ILE A 409 -17.29 22.19 -14.91
N ARG A 410 -15.97 22.25 -14.77
CA ARG A 410 -15.07 22.32 -15.89
C ARG A 410 -14.34 20.98 -16.00
N ILE A 411 -14.43 20.36 -17.17
CA ILE A 411 -13.64 19.17 -17.49
C ILE A 411 -12.40 19.67 -18.22
N ALA A 412 -11.26 19.69 -17.52
CA ALA A 412 -10.06 20.33 -18.03
C ALA A 412 -9.12 19.32 -18.69
N ASP A 413 -8.53 19.74 -19.81
CA ASP A 413 -7.64 18.87 -20.58
C ASP A 413 -6.28 18.68 -19.88
N ASP A 415 -3.54 20.47 -19.56
CA ASP A 415 -3.09 21.82 -19.90
C ASP A 415 -3.95 22.91 -19.25
N GLY A 416 -5.14 22.55 -18.77
CA GLY A 416 -6.04 23.48 -18.11
C GLY A 416 -7.26 23.88 -18.92
N ASN A 417 -7.25 23.68 -20.23
CA ASN A 417 -8.35 24.15 -21.08
C ASN A 417 -9.59 23.26 -20.94
N ALA A 418 -10.76 23.90 -20.97
CA ALA A 418 -12.01 23.16 -20.86
C ALA A 418 -12.21 22.21 -22.04
N LEU A 419 -12.85 21.08 -21.76
CA LEU A 419 -13.18 20.08 -22.77
C LEU A 419 -14.68 20.04 -23.00
N PRO A 420 -15.12 19.56 -24.16
CA PRO A 420 -16.55 19.46 -24.44
C PRO A 420 -17.16 18.22 -23.81
N ILE A 421 -18.45 18.03 -24.09
CA ILE A 421 -19.17 16.86 -23.60
C ILE A 421 -18.52 15.59 -24.14
N ASN A 422 -18.50 14.55 -23.30
CA ASN A 422 -18.02 13.23 -23.68
C ASN A 422 -16.51 13.16 -23.85
N ALA A 423 -15.79 14.16 -23.35
CA ALA A 423 -14.33 14.14 -23.33
C ALA A 423 -13.86 13.95 -21.89
N ILE A 424 -12.97 12.99 -21.69
CA ILE A 424 -12.47 12.68 -20.35
C ILE A 424 -11.37 13.67 -20.00
N GLY A 425 -11.47 14.28 -18.82
CA GLY A 425 -10.49 15.24 -18.37
C GLY A 425 -10.56 15.43 -16.87
N HIS A 426 -9.74 16.35 -16.37
CA HIS A 426 -9.65 16.62 -14.94
C HIS A 426 -10.89 17.40 -14.49
N ILE A 427 -11.64 16.84 -13.55
CA ILE A 427 -12.88 17.45 -13.09
C ILE A 427 -12.54 18.59 -12.15
N GLN A 428 -12.98 19.80 -12.50
CA GLN A 428 -12.75 20.98 -11.69
C GLN A 428 -14.09 21.68 -11.44
N THR A 429 -14.18 22.41 -10.32
CA THR A 429 -15.48 22.93 -9.93
C THR A 429 -15.34 24.15 -9.04
N ARG A 430 -16.30 25.07 -9.19
CA ARG A 430 -16.48 26.17 -8.26
C ARG A 430 -17.96 26.49 -8.22
N GLY A 431 -18.42 27.03 -7.09
CA GLY A 431 -19.82 27.31 -6.94
C GLY A 431 -20.21 27.77 -5.55
N PRO A 432 -21.53 27.88 -5.31
CA PRO A 432 -22.00 28.55 -4.10
C PRO A 432 -21.74 27.79 -2.81
N TYR A 433 -21.32 26.53 -2.87
CA TYR A 433 -20.98 25.85 -1.62
C TYR A 433 -19.62 25.16 -1.69
N THR A 434 -18.78 25.51 -2.68
CA THR A 434 -17.45 24.94 -2.84
C THR A 434 -16.43 25.87 -2.20
N ILE A 435 -15.50 25.28 -1.44
CA ILE A 435 -14.49 26.10 -0.77
C ILE A 435 -13.58 26.74 -1.80
N ASN A 436 -13.01 27.88 -1.42
CA ASN A 436 -12.01 28.60 -2.20
C ASN A 436 -10.61 28.40 -1.65
N GLY A 437 -10.47 27.63 -0.58
CA GLY A 437 -9.18 27.28 -0.04
C GLY A 437 -9.36 26.43 1.19
N TYR A 438 -8.49 25.46 1.39
CA TYR A 438 -8.44 24.78 2.66
C TYR A 438 -8.02 25.77 3.75
N TYR A 439 -8.35 25.43 5.00
CA TYR A 439 -8.10 26.33 6.11
C TYR A 439 -6.64 26.26 6.56
N ASN A 440 -5.99 27.43 6.67
CA ASN A 440 -4.65 27.54 7.24
C ASN A 440 -3.66 26.63 6.48
N LEU A 441 -3.67 26.74 5.15
CA LEU A 441 -2.85 25.88 4.28
C LEU A 441 -2.51 26.64 3.01
N PRO A 442 -1.74 27.73 3.12
CA PRO A 442 -1.52 28.59 1.95
C PRO A 442 -0.70 27.95 0.85
N GLU A 443 0.26 27.07 1.17
CA GLU A 443 1.10 26.51 0.13
C GLU A 443 0.36 25.45 -0.67
N ILE A 444 -0.37 24.56 0.01
CA ILE A 444 -1.21 23.61 -0.70
C ILE A 444 -2.23 24.34 -1.56
N ASN A 445 -2.80 25.43 -1.04
CA ASN A 445 -3.87 26.13 -1.75
C ASN A 445 -3.40 26.61 -3.11
N GLN A 446 -2.14 27.04 -3.21
CA GLN A 446 -1.63 27.52 -4.48
C GLN A 446 -1.67 26.43 -5.54
N ARG A 447 -1.71 25.16 -5.13
CA ARG A 447 -1.69 24.05 -6.06
C ARG A 447 -3.04 23.39 -6.24
N ALA A 448 -3.89 23.40 -5.20
CA ALA A 448 -5.16 22.69 -5.25
C ALA A 448 -6.27 23.49 -5.94
N PHE A 449 -6.03 24.75 -6.28
CA PHE A 449 -7.01 25.58 -6.95
C PHE A 449 -6.38 26.22 -8.18
N THR A 450 -7.18 26.37 -9.23
CA THR A 450 -6.73 27.04 -10.43
C THR A 450 -6.61 28.54 -10.19
N GLN A 451 -6.07 29.24 -11.19
CA GLN A 451 -5.87 30.68 -11.07
C GLN A 451 -7.21 31.41 -11.01
N ASP A 452 -8.20 30.94 -11.75
CA ASP A 452 -9.52 31.55 -11.72
C ASP A 452 -10.41 30.94 -10.63
N GLY A 453 -9.83 30.17 -9.72
CA GLY A 453 -10.50 29.79 -8.49
C GLY A 453 -11.32 28.52 -8.52
N PHE A 454 -11.07 27.63 -9.46
CA PHE A 454 -11.75 26.34 -9.51
C PHE A 454 -11.05 25.32 -8.61
N TYR A 455 -11.84 24.58 -7.85
CA TYR A 455 -11.28 23.50 -7.05
C TYR A 455 -10.92 22.31 -7.95
N LYS A 456 -9.73 21.76 -7.75
CA LYS A 456 -9.25 20.63 -8.52
C LYS A 456 -9.50 19.37 -7.71
N THR A 457 -10.43 18.54 -8.19
CA THR A 457 -10.89 17.38 -7.44
C THR A 457 -9.91 16.22 -7.43
N GLY A 458 -8.98 16.17 -8.38
CA GLY A 458 -8.15 15.00 -8.54
C GLY A 458 -8.83 13.84 -9.26
N ASP A 459 -10.10 13.97 -9.61
CA ASP A 459 -10.83 12.95 -10.33
C ASP A 459 -10.90 13.28 -11.82
N ILE A 460 -10.98 12.24 -12.63
CA ILE A 460 -11.19 12.39 -14.06
C ILE A 460 -12.53 11.79 -14.44
N GLY A 461 -13.10 12.29 -15.53
CA GLY A 461 -14.40 11.86 -15.97
C GLY A 461 -14.89 12.78 -17.06
N TYR A 462 -16.18 12.66 -17.36
CA TYR A 462 -16.76 13.46 -18.43
C TYR A 462 -18.21 13.78 -18.11
N LEU A 463 -18.72 14.79 -18.80
CA LEU A 463 -20.14 15.14 -18.79
C LEU A 463 -20.77 14.55 -20.04
N ASP A 464 -21.80 13.72 -19.85
CA ASP A 464 -22.41 13.02 -20.98
C ASP A 464 -23.45 13.93 -21.65
N GLU A 465 -24.20 13.37 -22.61
CA GLU A 465 -25.11 14.17 -23.43
C GLU A 465 -26.27 14.75 -22.63
N ASN A 466 -26.67 14.10 -21.54
CA ASN A 466 -27.71 14.64 -20.66
C ASN A 466 -27.16 15.54 -19.57
N LEU A 467 -25.87 15.88 -19.62
CA LEU A 467 -25.21 16.68 -18.59
C LEU A 467 -25.12 15.94 -17.27
N ASN A 468 -25.03 14.62 -17.31
CA ASN A 468 -24.75 13.82 -16.14
C ASN A 468 -23.26 13.53 -16.08
N ILE A 469 -22.68 13.67 -14.88
CA ILE A 469 -21.26 13.45 -14.68
C ILE A 469 -20.98 11.95 -14.61
N VAL A 470 -19.89 11.52 -15.25
CA VAL A 470 -19.44 10.14 -15.19
C VAL A 470 -17.98 10.17 -14.75
N VAL A 471 -17.72 9.78 -13.51
CA VAL A 471 -16.36 9.73 -12.97
C VAL A 471 -15.73 8.42 -13.40
N THR A 472 -14.57 8.50 -14.06
CA THR A 472 -13.89 7.32 -14.57
C THR A 472 -12.63 6.97 -13.81
N GLY A 473 -12.17 7.80 -12.89
CA GLY A 473 -10.95 7.50 -12.17
C GLY A 473 -10.39 8.74 -11.52
N ARG A 474 -9.14 8.62 -11.07
CA ARG A 474 -8.41 9.68 -10.39
C ARG A 474 -7.34 10.24 -11.30
N GLU A 475 -7.05 11.53 -11.13
CA GLU A 475 -6.07 12.20 -11.99
C GLU A 475 -4.71 11.51 -11.92
N LYS A 476 -4.20 11.30 -10.72
CA LYS A 476 -2.87 10.72 -10.52
C LYS A 476 -2.99 9.61 -9.49
N GLU A 477 -3.03 8.36 -9.96
CA GLU A 477 -3.15 7.23 -9.05
C GLU A 477 -1.82 6.96 -8.36
N GLN A 478 -1.85 6.09 -7.36
CA GLN A 478 -0.63 5.72 -6.65
C GLN A 478 0.23 4.79 -7.50
N ILE A 479 1.54 5.01 -7.43
CA ILE A 479 2.52 4.26 -8.23
C ILE A 479 3.02 3.07 -7.43
N ASN A 480 3.13 1.92 -8.10
CA ASN A 480 3.62 0.70 -7.47
C ASN A 480 5.05 0.46 -7.94
N ARG A 481 6.01 1.08 -7.26
CA ARG A 481 7.42 0.96 -7.57
C ARG A 481 8.05 -0.08 -6.64
N SER A 482 8.22 -1.30 -7.15
CA SER A 482 8.89 -2.39 -6.43
C SER A 482 8.40 -2.48 -4.99
N GLY A 483 7.11 -2.76 -4.84
CA GLY A 483 6.50 -2.86 -3.52
C GLY A 483 5.99 -1.56 -2.93
N GLU A 484 6.81 -0.51 -2.95
CA GLU A 484 6.42 0.75 -2.35
C GLU A 484 5.28 1.41 -3.12
N LYS A 485 4.38 2.07 -2.39
CA LYS A 485 3.25 2.78 -2.96
C LYS A 485 3.50 4.28 -2.84
N ILE A 486 3.73 4.94 -3.97
CA ILE A 486 4.14 6.35 -3.99
C ILE A 486 2.93 7.21 -4.32
N THR A 487 2.76 8.29 -3.56
CA THR A 487 1.71 9.27 -3.82
C THR A 487 2.26 10.34 -4.75
N PRO A 488 1.82 10.42 -6.00
CA PRO A 488 2.38 11.43 -6.92
C PRO A 488 2.34 12.84 -6.37
N SER A 489 1.21 13.23 -5.76
CA SER A 489 1.09 14.56 -5.17
C SER A 489 2.24 14.86 -4.23
N GLU A 490 2.76 13.85 -3.53
CA GLU A 490 3.86 14.08 -2.60
C GLU A 490 5.13 14.46 -3.35
N ILE A 491 5.56 13.63 -4.31
CA ILE A 491 6.78 13.93 -5.05
C ILE A 491 6.65 15.25 -5.80
N GLU A 492 5.42 15.61 -6.20
CA GLU A 492 5.24 16.87 -6.93
C GLU A 492 5.52 18.07 -6.04
N GLU A 493 5.04 18.04 -4.78
CA GLU A 493 5.28 19.14 -3.87
C GLU A 493 6.77 19.45 -3.75
N PHE A 494 7.57 18.42 -3.46
CA PHE A 494 9.01 18.63 -3.30
C PHE A 494 9.63 19.20 -4.57
N ILE A 495 9.38 18.56 -5.71
CA ILE A 495 9.97 19.01 -6.97
C ILE A 495 9.60 20.46 -7.26
N LEU A 496 8.47 20.92 -6.72
CA LEU A 496 8.06 22.32 -6.89
C LEU A 496 8.89 23.27 -6.03
N GLN A 497 9.54 22.77 -4.98
CA GLN A 497 10.45 23.59 -4.20
C GLN A 497 11.75 23.90 -4.93
N TYR A 498 12.01 23.24 -6.06
CA TYR A 498 13.17 23.58 -6.87
C TYR A 498 12.97 24.97 -7.48
N PRO A 499 13.97 25.85 -7.40
CA PRO A 499 13.71 27.27 -7.71
C PRO A 499 13.26 27.52 -9.14
N SER A 500 13.85 26.84 -10.12
CA SER A 500 13.56 27.10 -11.53
C SER A 500 12.35 26.33 -12.06
N VAL A 501 11.72 25.49 -11.23
CA VAL A 501 10.59 24.67 -11.64
C VAL A 501 9.30 25.47 -11.51
N LYS A 502 8.45 25.42 -12.54
CA LYS A 502 7.15 26.07 -12.51
C LYS A 502 5.98 25.11 -12.46
N ASP A 503 6.17 23.86 -12.89
CA ASP A 503 5.12 22.86 -12.89
C ASP A 503 5.75 21.49 -13.09
N VAL A 504 5.14 20.48 -12.45
CA VAL A 504 5.63 19.11 -12.56
C VAL A 504 4.41 18.19 -12.43
N CYS A 505 4.48 17.05 -13.12
CA CYS A 505 3.48 16.00 -13.01
C CYS A 505 4.21 14.66 -12.89
N VAL A 506 4.05 14.00 -11.74
CA VAL A 506 4.75 12.75 -11.47
C VAL A 506 3.88 11.59 -11.87
N ILE A 507 4.32 10.83 -12.88
CA ILE A 507 3.57 9.71 -13.42
C ILE A 507 4.37 8.44 -13.25
N GLY A 508 3.67 7.31 -13.38
CA GLY A 508 4.29 6.00 -13.30
C GLY A 508 4.31 5.32 -14.65
N VAL A 509 5.37 4.56 -14.90
CA VAL A 509 5.50 3.75 -16.10
C VAL A 509 5.64 2.29 -15.66
N SER A 510 5.32 1.39 -16.58
CA SER A 510 5.41 -0.04 -16.30
C SER A 510 6.83 -0.54 -16.52
N ASP A 511 7.21 -1.58 -15.77
CA ASP A 511 8.52 -2.22 -15.91
C ASP A 511 8.57 -3.54 -15.15
N GLU A 516 7.06 -0.82 -11.86
CA GLU A 516 6.72 0.54 -12.28
C GLU A 516 7.79 1.56 -11.86
N ARG A 517 8.16 2.44 -12.79
CA ARG A 517 9.14 3.49 -12.55
C ARG A 517 8.44 4.83 -12.38
N ILE A 518 9.13 5.75 -11.70
CA ILE A 518 8.61 7.10 -11.41
C ILE A 518 9.23 8.08 -12.40
N LYS A 519 8.39 8.80 -13.14
CA LYS A 519 8.83 9.82 -14.08
C LYS A 519 8.22 11.16 -13.70
N ALA A 520 9.04 12.21 -13.76
CA ALA A 520 8.61 13.57 -13.43
C ALA A 520 8.63 14.41 -14.69
N ILE A 521 7.46 14.90 -15.10
CA ILE A 521 7.33 15.82 -16.22
C ILE A 521 7.41 17.24 -15.68
N ILE A 522 8.50 17.93 -15.96
CA ILE A 522 8.80 19.25 -15.40
C ILE A 522 8.61 20.28 -16.50
N ILE A 523 7.93 21.36 -16.17
CA ILE A 523 7.84 22.54 -17.04
C ILE A 523 8.77 23.61 -16.44
N PRO A 524 9.77 24.08 -17.17
CA PRO A 524 10.70 25.06 -16.60
C PRO A 524 10.17 26.48 -16.68
N LYS A 525 10.65 27.31 -15.76
CA LYS A 525 10.33 28.74 -15.78
C LYS A 525 10.89 29.40 -17.03
N ASP A 527 13.65 27.36 -18.15
CA ASP A 527 14.76 27.42 -19.09
C ASP A 527 16.10 27.28 -18.35
N ASP A 528 16.44 26.04 -17.99
CA ASP A 528 17.52 25.79 -17.03
C ASP A 528 18.06 24.39 -17.28
N SER A 529 19.30 24.30 -17.78
CA SER A 529 19.94 23.00 -17.95
C SER A 529 20.23 22.32 -16.61
N GLU A 530 20.14 23.05 -15.50
CA GLU A 530 20.31 22.47 -14.18
C GLU A 530 19.11 21.64 -13.75
N ILE A 531 17.98 21.74 -14.45
CA ILE A 531 16.85 20.83 -14.24
C ILE A 531 17.12 19.56 -15.03
N ASN A 532 17.79 18.61 -14.40
CA ASN A 532 18.08 17.31 -15.01
C ASN A 532 17.99 16.24 -13.92
N LEU A 533 17.98 14.97 -14.36
CA LEU A 533 17.77 13.86 -13.45
C LEU A 533 18.69 13.92 -12.25
N LYS A 534 20.00 13.92 -12.48
CA LYS A 534 20.97 13.89 -11.38
C LYS A 534 20.73 15.03 -10.40
N ASN A 535 20.52 16.25 -10.91
CA ASN A 535 20.38 17.39 -10.02
C ASN A 535 19.06 17.35 -9.25
N ILE A 536 17.96 16.96 -9.92
CA ILE A 536 16.70 16.84 -9.22
C ILE A 536 16.77 15.72 -8.19
N ARG A 537 17.44 14.62 -8.53
CA ARG A 537 17.55 13.51 -7.58
C ARG A 537 18.35 13.91 -6.36
N LYS A 538 19.50 14.55 -6.56
CA LYS A 538 20.31 15.02 -5.44
C LYS A 538 19.55 16.06 -4.62
N PHE A 539 18.78 16.92 -5.29
CA PHE A 539 18.01 17.92 -4.56
C PHE A 539 16.96 17.27 -3.68
N LEU A 540 16.36 16.17 -4.16
CA LEU A 540 15.35 15.48 -3.36
C LEU A 540 16.00 14.69 -2.22
N ILE A 541 17.15 14.07 -2.48
CA ILE A 541 17.87 13.36 -1.43
C ILE A 541 18.25 14.33 -0.31
N SER A 542 18.82 15.49 -0.69
CA SER A 542 19.20 16.48 0.32
C SER A 542 18.01 16.90 1.17
N LYS A 543 16.81 16.91 0.59
CA LYS A 543 15.61 17.29 1.33
C LYS A 543 15.12 16.18 2.27
N ASN A 544 15.70 14.99 2.20
CA ASN A 544 15.40 13.91 3.13
C ASN A 544 14.04 13.27 2.85
N ILE A 545 13.64 13.19 1.58
CA ILE A 545 12.45 12.45 1.20
C ILE A 545 12.81 10.96 1.23
N ALA A 546 11.80 10.09 1.12
CA ALA A 546 12.06 8.67 1.12
C ALA A 546 12.80 8.27 -0.15
N HIS A 547 13.93 7.58 0.02
CA HIS A 547 14.74 7.16 -1.12
C HIS A 547 13.89 6.53 -2.22
N PHE A 548 12.91 5.73 -1.84
CA PHE A 548 12.07 5.02 -2.80
C PHE A 548 11.03 5.91 -3.47
N LYS A 549 11.06 7.22 -3.20
CA LYS A 549 10.15 8.16 -3.83
C LYS A 549 10.85 9.13 -4.78
N ILE A 550 12.10 8.85 -5.16
CA ILE A 550 12.84 9.71 -6.06
C ILE A 550 12.60 9.29 -7.51
N PRO A 551 12.35 10.24 -8.42
CA PRO A 551 12.11 9.88 -9.82
C PRO A 551 13.22 9.02 -10.40
N ASP A 552 12.85 8.07 -11.24
CA ASP A 552 13.80 7.26 -12.00
C ASP A 552 14.07 7.83 -13.38
N GLU A 553 13.37 8.89 -13.77
CA GLU A 553 13.46 9.47 -15.10
C GLU A 553 12.85 10.87 -15.06
N ILE A 554 13.37 11.75 -15.92
CA ILE A 554 12.95 13.14 -15.98
C ILE A 554 12.55 13.46 -17.42
N GLU A 555 11.76 14.51 -17.58
CA GLU A 555 11.40 15.02 -18.91
C GLU A 555 11.01 16.48 -18.77
N VAL A 556 11.75 17.37 -19.42
CA VAL A 556 11.51 18.81 -19.35
C VAL A 556 10.82 19.23 -20.66
N VAL A 557 9.50 19.38 -20.60
CA VAL A 557 8.73 19.83 -21.75
C VAL A 557 8.25 21.25 -21.50
N ALA A 558 7.55 21.83 -22.48
CA ALA A 558 7.00 23.17 -22.35
C ALA A 558 5.54 23.17 -21.92
N ASP A 559 4.87 22.02 -21.99
CA ASP A 559 3.48 21.91 -21.60
C ASP A 559 3.13 20.42 -21.51
N PHE A 560 1.97 20.14 -20.96
CA PHE A 560 1.49 18.76 -20.85
C PHE A 560 0.49 18.46 -21.97
N MET B 36 44.57 -19.73 5.46
CA MET B 36 43.19 -20.18 5.28
C MET B 36 42.20 -19.01 5.26
N PHE B 37 41.34 -18.98 4.24
CA PHE B 37 40.39 -17.88 4.08
C PHE B 37 39.30 -17.93 5.14
N ILE B 38 38.89 -19.11 5.57
CA ILE B 38 37.80 -19.23 6.53
C ILE B 38 38.14 -18.51 7.83
N GLU B 39 39.40 -18.58 8.26
CA GLU B 39 39.79 -17.90 9.48
C GLU B 39 39.60 -16.39 9.34
N GLN B 40 40.05 -15.82 8.22
CA GLN B 40 39.84 -14.39 8.00
C GLN B 40 38.36 -14.08 7.85
N ASP B 41 37.60 -15.00 7.25
CA ASP B 41 36.18 -14.74 7.01
C ASP B 41 35.40 -14.72 8.32
N ILE B 42 35.77 -15.59 9.26
CA ILE B 42 35.08 -15.62 10.55
C ILE B 42 35.26 -14.30 11.27
N GLN B 43 36.49 -13.78 11.28
CA GLN B 43 36.76 -12.51 11.95
C GLN B 43 36.04 -11.35 11.28
N LEU B 44 35.72 -11.48 9.99
CA LEU B 44 35.06 -10.43 9.24
C LEU B 44 33.53 -10.56 9.25
N GLY B 45 32.97 -11.52 9.98
CA GLY B 45 31.54 -11.61 10.16
C GLY B 45 30.88 -12.88 9.64
N TYR B 46 31.67 -13.84 9.18
CA TYR B 46 31.12 -15.10 8.70
C TYR B 46 30.85 -16.05 9.86
N VAL B 47 29.62 -16.56 9.95
CA VAL B 47 29.26 -17.59 10.91
C VAL B 47 29.29 -18.94 10.18
N PRO B 48 30.22 -19.82 10.49
CA PRO B 48 30.36 -21.07 9.72
C PRO B 48 29.44 -22.18 10.22
N PHE B 49 29.40 -23.27 9.46
CA PHE B 49 28.72 -24.46 9.91
C PHE B 49 29.44 -25.05 11.13
N PRO B 50 28.70 -25.52 12.14
CA PRO B 50 29.36 -26.21 13.26
C PRO B 50 30.14 -27.42 12.76
N LYS B 51 31.20 -27.74 13.50
CA LYS B 51 32.15 -28.76 13.04
C LYS B 51 31.45 -30.10 12.81
N SER B 52 30.56 -30.49 13.73
CA SER B 52 29.96 -31.83 13.63
C SER B 52 29.04 -31.91 12.42
N ARG B 53 28.25 -30.87 12.16
CA ARG B 53 27.33 -30.89 11.02
C ARG B 53 28.09 -30.82 9.71
N ALA B 54 29.20 -30.08 9.68
CA ALA B 54 29.99 -29.99 8.45
C ALA B 54 30.58 -31.36 8.09
N GLN B 55 31.07 -32.09 9.10
CA GLN B 55 31.61 -33.42 8.81
C GLN B 55 30.50 -34.34 8.30
N GLN B 56 29.30 -34.26 8.91
CA GLN B 56 28.21 -35.08 8.40
C GLN B 56 27.89 -34.74 6.96
N TYR B 57 27.88 -33.44 6.62
CA TYR B 57 27.55 -33.05 5.26
C TYR B 57 28.63 -33.50 4.27
N ARG B 58 29.89 -33.55 4.70
CA ARG B 58 30.93 -34.12 3.86
C ARG B 58 30.76 -35.62 3.70
N ASP B 59 30.57 -36.33 4.81
CA ASP B 59 30.55 -37.79 4.79
C ASP B 59 29.28 -38.36 4.17
N GLU B 60 28.21 -37.58 4.07
CA GLU B 60 26.95 -38.08 3.52
C GLU B 60 26.69 -37.61 2.10
N GLY B 61 27.71 -37.04 1.43
CA GLY B 61 27.59 -36.73 0.03
C GLY B 61 26.96 -35.40 -0.32
N CYS B 62 26.57 -34.59 0.67
CA CYS B 62 25.94 -33.31 0.35
C CYS B 62 26.95 -32.35 -0.24
N TRP B 63 28.10 -32.19 0.41
CA TRP B 63 29.09 -31.20 -0.02
C TRP B 63 30.08 -31.89 -0.94
N LYS B 64 30.07 -31.52 -2.21
CA LYS B 64 31.02 -32.06 -3.17
C LYS B 64 32.26 -31.17 -3.20
N SER B 65 33.17 -31.44 -4.14
CA SER B 65 34.53 -30.91 -4.08
C SER B 65 34.80 -29.74 -5.02
N GLN B 66 33.81 -29.31 -5.81
CA GLN B 66 34.03 -28.30 -6.84
C GLN B 66 33.53 -26.92 -6.43
N THR B 67 34.34 -25.92 -6.72
CA THR B 67 33.88 -24.54 -6.70
C THR B 67 33.00 -24.27 -7.93
N HIS B 68 32.41 -23.08 -7.98
CA HIS B 68 31.61 -22.69 -9.13
C HIS B 68 32.41 -22.77 -10.42
N PHE B 69 33.61 -22.18 -10.43
CA PHE B 69 34.37 -22.14 -11.66
C PHE B 69 34.91 -23.51 -12.03
N GLN B 70 35.27 -24.32 -11.03
CA GLN B 70 35.66 -25.69 -11.32
C GLN B 70 34.51 -26.48 -11.94
N LEU B 71 33.28 -26.18 -11.52
CA LEU B 71 32.11 -26.78 -12.15
C LEU B 71 31.99 -26.36 -13.60
N LEU B 72 32.17 -25.07 -13.89
CA LEU B 72 32.15 -24.62 -15.28
C LEU B 72 33.26 -25.28 -16.08
N ALA B 73 34.44 -25.43 -15.48
CA ALA B 73 35.54 -26.09 -16.18
C ALA B 73 35.14 -27.47 -16.65
N SER B 74 34.39 -28.19 -15.81
CA SER B 74 33.99 -29.55 -16.15
C SER B 74 32.80 -29.57 -17.09
N LEU B 75 31.92 -28.57 -17.00
CA LEU B 75 30.87 -28.42 -17.99
C LEU B 75 31.46 -28.12 -19.36
N LYS B 76 32.54 -27.33 -19.40
CA LYS B 76 33.22 -27.07 -20.66
C LYS B 76 33.81 -28.35 -21.23
N ASP B 77 34.34 -29.22 -20.36
CA ASP B 77 34.94 -30.46 -20.81
C ASP B 77 33.92 -31.46 -21.32
N ARG B 78 32.66 -31.35 -20.90
CA ARG B 78 31.62 -32.30 -21.26
C ARG B 78 30.66 -31.78 -22.32
N PHE B 79 30.45 -30.46 -22.39
CA PHE B 79 29.40 -29.87 -23.21
C PHE B 79 29.94 -28.75 -24.08
N ALA B 80 31.20 -28.83 -24.49
CA ALA B 80 31.90 -27.72 -25.12
C ALA B 80 31.05 -26.99 -26.15
N GLN B 81 30.55 -27.73 -27.15
CA GLN B 81 29.87 -27.12 -28.28
C GLN B 81 28.39 -26.91 -28.07
N ARG B 82 27.80 -27.52 -27.03
CA ARG B 82 26.39 -27.27 -26.75
C ARG B 82 26.17 -25.80 -26.41
N VAL B 83 25.02 -25.29 -26.82
CA VAL B 83 24.66 -23.90 -26.56
C VAL B 83 24.15 -23.79 -25.13
N ALA B 84 24.83 -22.99 -24.31
CA ALA B 84 24.43 -22.82 -22.92
C ALA B 84 23.37 -21.72 -22.74
N VAL B 85 23.47 -20.64 -23.51
CA VAL B 85 22.65 -19.46 -23.30
C VAL B 85 22.34 -18.80 -24.64
N ILE B 86 21.08 -18.39 -24.80
CA ILE B 86 20.64 -17.64 -25.96
C ILE B 86 19.98 -16.34 -25.47
N GLN B 87 20.21 -15.26 -26.20
CA GLN B 87 19.56 -13.99 -25.90
C GLN B 87 19.61 -13.13 -27.16
N ASP B 88 18.46 -12.91 -27.78
CA ASP B 88 18.34 -12.18 -29.05
C ASP B 88 19.26 -12.88 -30.07
N ASP B 89 20.07 -12.15 -30.85
CA ASP B 89 20.97 -12.76 -31.83
C ASP B 89 22.32 -13.14 -31.23
N LYS B 90 22.43 -13.20 -29.90
CA LYS B 90 23.66 -13.58 -29.23
C LYS B 90 23.50 -14.94 -28.57
N GLN B 91 24.61 -15.63 -28.41
CA GLN B 91 24.56 -16.94 -27.77
C GLN B 91 25.97 -17.34 -27.35
N LEU B 92 26.03 -18.23 -26.37
CA LEU B 92 27.28 -18.75 -25.86
C LEU B 92 27.20 -20.26 -25.79
N THR B 93 28.18 -20.93 -26.38
CA THR B 93 28.40 -22.32 -26.01
C THR B 93 29.13 -22.39 -24.68
N TYR B 94 29.22 -23.60 -24.13
CA TYR B 94 29.94 -23.77 -22.87
C TYR B 94 31.41 -23.38 -23.02
N GLN B 95 32.03 -23.74 -24.15
CA GLN B 95 33.40 -23.31 -24.41
C GLN B 95 33.52 -21.80 -24.39
N GLN B 96 32.68 -21.11 -25.17
CA GLN B 96 32.73 -19.65 -25.20
C GLN B 96 32.48 -19.06 -23.83
N LEU B 97 31.51 -19.60 -23.08
CA LEU B 97 31.26 -19.10 -21.74
C LEU B 97 32.50 -19.24 -20.86
N TYR B 98 33.16 -20.40 -20.94
CA TYR B 98 34.43 -20.58 -20.24
C TYR B 98 35.48 -19.58 -20.70
N ASP B 99 35.75 -19.55 -22.01
CA ASP B 99 36.80 -18.68 -22.54
C ASP B 99 36.55 -17.21 -22.19
N TYR B 100 35.30 -16.75 -22.26
CA TYR B 100 35.01 -15.36 -21.93
C TYR B 100 35.23 -15.10 -20.44
N ALA B 101 34.75 -16.00 -19.58
CA ALA B 101 34.97 -15.83 -18.15
C ALA B 101 36.45 -15.76 -17.83
N ILE B 102 37.24 -16.68 -18.38
CA ILE B 102 38.68 -16.64 -18.21
C ILE B 102 39.22 -15.28 -18.66
N HIS B 103 38.76 -14.81 -19.83
CA HIS B 103 39.20 -13.53 -20.35
C HIS B 103 38.80 -12.41 -19.40
N TYR B 104 37.54 -12.38 -18.98
CA TYR B 104 37.11 -11.33 -18.08
C TYR B 104 37.79 -11.44 -16.72
N GLY B 105 37.97 -12.66 -16.22
CA GLY B 105 38.71 -12.84 -14.98
C GLY B 105 40.10 -12.23 -15.06
N THR B 106 40.80 -12.45 -16.18
CA THR B 106 42.11 -11.87 -16.40
C THR B 106 42.04 -10.35 -16.30
N TYR B 107 41.10 -9.73 -17.03
CA TYR B 107 40.94 -8.28 -16.98
C TYR B 107 40.76 -7.80 -15.55
N LEU B 108 39.91 -8.48 -14.78
CA LEU B 108 39.69 -8.09 -13.39
C LEU B 108 40.97 -8.21 -12.58
N LYS B 109 41.71 -9.30 -12.76
CA LYS B 109 42.98 -9.46 -12.05
C LYS B 109 43.94 -8.33 -12.41
N GLN B 110 44.08 -8.06 -13.72
CA GLN B 110 44.92 -6.94 -14.16
C GLN B 110 44.49 -5.62 -13.54
N GLN B 111 43.19 -5.46 -13.26
CA GLN B 111 42.71 -4.20 -12.70
C GLN B 111 42.96 -4.08 -11.21
N GLY B 112 43.27 -5.18 -10.53
CA GLY B 112 43.53 -5.16 -9.10
C GLY B 112 42.56 -5.96 -8.25
N ILE B 113 41.48 -6.51 -8.80
CA ILE B 113 40.59 -7.35 -8.00
C ILE B 113 41.34 -8.61 -7.60
N ARG B 114 41.22 -8.99 -6.34
CA ARG B 114 41.97 -10.12 -5.80
C ARG B 114 41.03 -11.16 -5.21
N GLU B 115 41.55 -12.38 -5.06
CA GLU B 115 40.79 -13.47 -4.48
C GLU B 115 40.21 -13.07 -3.13
N THR B 116 38.91 -13.34 -2.97
CA THR B 116 38.10 -13.13 -1.77
C THR B 116 37.58 -11.70 -1.64
N ASP B 117 37.90 -10.78 -2.55
CA ASP B 117 37.25 -9.48 -2.53
C ASP B 117 35.77 -9.65 -2.90
N PHE B 118 34.93 -8.86 -2.26
CA PHE B 118 33.51 -8.85 -2.61
C PHE B 118 33.29 -7.79 -3.68
N VAL B 119 32.54 -8.16 -4.71
CA VAL B 119 32.23 -7.26 -5.81
C VAL B 119 30.72 -7.25 -5.98
N LEU B 120 30.12 -6.07 -5.81
CA LEU B 120 28.69 -5.93 -6.02
C LEU B 120 28.36 -6.10 -7.48
N LEU B 121 27.33 -6.88 -7.77
CA LEU B 121 26.90 -7.16 -9.14
C LEU B 121 25.43 -6.81 -9.29
N GLN B 122 25.12 -5.90 -10.21
CA GLN B 122 23.75 -5.56 -10.56
C GLN B 122 23.60 -5.64 -12.07
N SER B 123 22.54 -6.33 -12.53
CA SER B 123 22.43 -6.64 -13.96
C SER B 123 21.00 -6.90 -14.37
N PRO B 124 20.58 -6.44 -15.54
CA PRO B 124 19.32 -6.96 -16.11
C PRO B 124 19.54 -8.35 -16.70
N ASN B 125 18.54 -8.89 -17.38
CA ASN B 125 18.61 -10.24 -17.94
C ASN B 125 19.27 -10.21 -19.32
N VAL B 126 20.59 -9.97 -19.31
CA VAL B 126 21.40 -9.97 -20.53
C VAL B 126 22.48 -11.04 -20.39
N ILE B 127 22.91 -11.55 -21.56
CA ILE B 127 23.78 -12.72 -21.59
C ILE B 127 25.17 -12.43 -20.99
N GLU B 128 25.62 -11.17 -21.03
CA GLU B 128 26.93 -10.84 -20.48
C GLU B 128 27.02 -11.06 -18.98
N VAL B 129 25.89 -11.10 -18.26
CA VAL B 129 25.94 -11.30 -16.82
C VAL B 129 26.63 -12.63 -16.49
N PHE B 130 26.37 -13.67 -17.29
CA PHE B 130 26.98 -14.97 -17.00
C PHE B 130 28.50 -14.93 -17.16
N ILE B 131 29.00 -14.12 -18.10
CA ILE B 131 30.44 -13.94 -18.26
C ILE B 131 31.03 -13.20 -17.07
N VAL B 132 30.30 -12.22 -16.53
CA VAL B 132 30.78 -11.46 -15.39
C VAL B 132 30.80 -12.32 -14.13
N ILE B 133 29.72 -13.07 -13.90
CA ILE B 133 29.64 -13.93 -12.72
C ILE B 133 30.80 -14.92 -12.71
N PHE B 134 30.92 -15.71 -13.78
CA PHE B 134 31.97 -16.72 -13.80
C PHE B 134 33.36 -16.11 -13.96
N GLY B 135 33.46 -14.88 -14.47
CA GLY B 135 34.74 -14.20 -14.46
C GLY B 135 35.22 -13.91 -13.04
N LEU B 136 34.31 -13.40 -12.19
CA LEU B 136 34.63 -13.23 -10.78
C LEU B 136 35.00 -14.57 -10.14
N TYR B 137 34.19 -15.60 -10.37
CA TYR B 137 34.51 -16.92 -9.81
C TYR B 137 35.86 -17.42 -10.30
N ALA B 138 36.25 -17.03 -11.52
CA ALA B 138 37.50 -17.53 -12.09
C ALA B 138 38.72 -17.07 -11.29
N ILE B 139 38.66 -15.89 -10.68
CA ILE B 139 39.77 -15.35 -9.89
C ILE B 139 39.53 -15.48 -8.39
N GLY B 140 38.49 -16.22 -7.98
CA GLY B 140 38.20 -16.34 -6.57
C GLY B 140 37.51 -15.12 -5.96
N ALA B 141 37.12 -14.15 -6.78
CA ALA B 141 36.33 -13.03 -6.28
C ALA B 141 34.91 -13.50 -5.93
N ARG B 142 34.26 -12.74 -5.06
CA ARG B 142 33.00 -13.14 -4.46
C ARG B 142 31.90 -12.18 -4.85
N PRO B 143 31.00 -12.56 -5.75
CA PRO B 143 29.90 -11.66 -6.12
C PRO B 143 28.98 -11.38 -4.95
N VAL B 144 28.41 -10.17 -4.98
CA VAL B 144 27.31 -9.78 -4.11
C VAL B 144 26.12 -9.52 -5.03
N PHE B 145 25.13 -10.41 -4.99
CA PHE B 145 24.06 -10.41 -5.98
C PHE B 145 22.99 -9.40 -5.56
N CYS B 146 22.94 -8.26 -6.24
CA CYS B 146 21.99 -7.22 -5.96
C CYS B 146 20.83 -7.25 -6.98
N LEU B 147 19.69 -6.74 -6.56
CA LEU B 147 18.51 -6.73 -7.43
C LEU B 147 18.33 -5.38 -8.09
N HIS B 148 17.91 -5.41 -9.36
CA HIS B 148 17.50 -4.21 -10.08
C HIS B 148 16.20 -3.72 -9.45
N GLY B 149 16.34 -2.82 -8.48
CA GLY B 149 15.27 -2.47 -7.57
C GLY B 149 15.91 -2.07 -6.25
N HIS B 150 17.22 -1.86 -6.31
CA HIS B 150 18.01 -1.34 -5.21
C HIS B 150 18.69 -0.09 -5.73
N GLY B 151 18.30 1.06 -5.19
CA GLY B 151 18.90 2.32 -5.56
C GLY B 151 20.22 2.54 -4.85
N SER B 152 20.68 3.79 -4.89
CA SER B 152 21.96 4.11 -4.27
C SER B 152 21.91 3.90 -2.75
N TYR B 153 20.76 4.12 -2.13
CA TYR B 153 20.67 3.97 -0.67
C TYR B 153 20.99 2.53 -0.25
N GLU B 154 20.43 1.55 -0.96
CA GLU B 154 20.68 0.15 -0.63
C GLU B 154 22.08 -0.28 -1.06
N ILE B 155 22.50 0.11 -2.27
CA ILE B 155 23.85 -0.20 -2.71
C ILE B 155 24.87 0.35 -1.71
N GLU B 156 24.69 1.60 -1.29
CA GLU B 156 25.59 2.21 -0.32
C GLU B 156 25.73 1.34 0.92
N ASN B 157 24.59 0.91 1.48
CA ASN B 157 24.63 0.09 2.68
C ASN B 157 25.22 -1.29 2.39
N ILE B 158 24.82 -1.93 1.28
CA ILE B 158 25.35 -3.25 0.95
C ILE B 158 26.85 -3.18 0.72
N ALA B 159 27.33 -2.09 0.10
CA ALA B 159 28.76 -1.94 -0.14
C ALA B 159 29.54 -1.86 1.16
N ARG B 160 29.02 -1.14 2.15
CA ARG B 160 29.71 -0.99 3.42
C ARG B 160 29.62 -2.25 4.27
N GLN B 161 28.42 -2.83 4.39
CA GLN B 161 28.27 -4.06 5.14
C GLN B 161 29.23 -5.14 4.63
N SER B 162 29.39 -5.24 3.31
CA SER B 162 30.17 -6.30 2.71
C SER B 162 31.64 -5.94 2.55
N ARG B 163 32.03 -4.71 2.85
CA ARG B 163 33.39 -4.24 2.62
C ARG B 163 33.80 -4.46 1.17
N ALA B 164 32.85 -4.36 0.26
CA ALA B 164 33.12 -4.66 -1.14
C ALA B 164 34.17 -3.70 -1.69
N VAL B 165 34.98 -4.22 -2.61
CA VAL B 165 35.98 -3.40 -3.29
C VAL B 165 35.51 -2.92 -4.65
N GLY B 166 34.45 -3.51 -5.20
CA GLY B 166 34.02 -3.18 -6.54
C GLY B 166 32.52 -3.19 -6.69
N PHE B 167 32.06 -2.49 -7.71
CA PHE B 167 30.64 -2.44 -8.08
C PHE B 167 30.57 -2.55 -9.61
N LEU B 168 30.01 -3.65 -10.09
CA LEU B 168 29.78 -3.88 -11.51
C LEU B 168 28.30 -3.73 -11.79
N LYS B 169 27.94 -2.73 -12.59
CA LYS B 169 26.56 -2.51 -13.00
C LYS B 169 26.46 -2.76 -14.50
N LEU B 170 25.69 -3.78 -14.88
CA LEU B 170 25.37 -4.02 -16.27
C LEU B 170 24.11 -3.24 -16.63
N CYS B 171 24.07 -2.72 -17.85
CA CYS B 171 22.97 -1.89 -18.31
C CYS B 171 22.46 -2.40 -19.65
N GLY B 172 21.15 -2.28 -19.85
CA GLY B 172 20.54 -2.67 -21.09
C GLY B 172 20.78 -1.65 -22.18
N SER B 173 20.77 -0.38 -21.81
CA SER B 173 21.00 0.71 -22.75
C SER B 173 22.16 1.57 -22.28
N ALA B 174 22.80 2.24 -23.25
CA ALA B 174 23.80 3.24 -22.90
C ALA B 174 23.19 4.46 -22.23
N ASN B 175 21.87 4.45 -21.98
CA ASN B 175 21.19 5.54 -21.29
C ASN B 175 21.01 5.30 -19.81
N GLU B 176 21.04 4.05 -19.36
CA GLU B 176 20.81 3.71 -17.97
C GLU B 176 21.85 4.40 -17.08
N SER B 177 21.63 4.33 -15.77
CA SER B 177 22.59 4.89 -14.83
C SER B 177 23.80 3.96 -14.71
N THR B 178 24.99 4.54 -14.76
CA THR B 178 26.21 3.76 -14.64
C THR B 178 26.56 3.54 -13.16
N ALA B 179 27.56 2.70 -12.93
CA ALA B 179 27.99 2.43 -11.55
C ALA B 179 28.42 3.72 -10.86
N THR B 180 29.15 4.57 -11.56
CA THR B 180 29.60 5.83 -10.96
C THR B 180 28.42 6.77 -10.71
N ASP B 181 27.35 6.66 -11.50
CA ASP B 181 26.14 7.44 -11.24
C ASP B 181 25.54 7.08 -9.90
N VAL B 182 25.45 5.79 -9.60
CA VAL B 182 24.86 5.36 -8.33
C VAL B 182 25.72 5.84 -7.18
N CYS B 183 27.05 5.68 -7.30
CA CYS B 183 27.94 5.96 -6.19
C CYS B 183 28.00 7.44 -5.85
N GLU B 184 27.68 8.32 -6.79
CA GLU B 184 27.68 9.74 -6.52
C GLU B 184 26.53 10.17 -5.61
N GLU B 185 25.47 9.37 -5.52
CA GLU B 185 24.38 9.63 -4.59
C GLU B 185 24.63 9.06 -3.20
N PHE B 186 25.74 8.36 -2.98
CA PHE B 186 26.12 7.96 -1.64
C PHE B 186 26.11 9.17 -0.70
N SER B 187 25.54 9.00 0.48
CA SER B 187 25.53 10.08 1.47
C SER B 187 26.93 10.37 2.01
N LYS B 188 27.83 9.39 1.97
CA LYS B 188 29.20 9.56 2.40
C LYS B 188 30.10 8.87 1.38
N PRO B 189 31.32 9.38 1.17
CA PRO B 189 32.25 8.69 0.26
C PRO B 189 32.51 7.26 0.72
N ASN B 190 32.93 6.43 -0.24
CA ASN B 190 33.35 5.05 0.05
C ASN B 190 34.62 4.78 -0.75
N PHE B 191 35.76 5.16 -0.16
CA PHE B 191 37.04 5.04 -0.87
C PHE B 191 37.43 3.60 -1.13
N LYS B 192 37.01 2.67 -0.26
CA LYS B 192 37.40 1.27 -0.42
C LYS B 192 36.71 0.61 -1.62
N LEU B 193 35.52 1.09 -1.99
CA LEU B 193 34.84 0.64 -3.20
C LEU B 193 35.43 1.40 -4.37
N TRP B 194 36.64 1.01 -4.76
CA TRP B 194 37.39 1.77 -5.75
C TRP B 194 37.18 1.28 -7.18
N PHE B 195 36.70 0.06 -7.38
CA PHE B 195 36.42 -0.46 -8.71
C PHE B 195 34.94 -0.23 -9.00
N ARG B 196 34.66 0.70 -9.91
CA ARG B 196 33.29 1.10 -10.27
C ARG B 196 33.18 1.00 -11.78
N GLU B 197 32.58 -0.08 -12.27
CA GLU B 197 32.53 -0.34 -13.70
C GLU B 197 31.11 -0.62 -14.17
N SER B 198 30.77 -0.06 -15.32
CA SER B 198 29.48 -0.28 -15.98
C SER B 198 29.72 -1.00 -17.31
N ILE B 199 28.87 -1.97 -17.59
CA ILE B 199 28.89 -2.72 -18.84
C ILE B 199 27.58 -2.44 -19.57
N VAL B 200 27.66 -2.11 -20.86
CA VAL B 200 26.48 -1.92 -21.69
C VAL B 200 26.32 -3.14 -22.58
N SER B 201 25.16 -3.79 -22.50
CA SER B 201 24.86 -4.92 -23.37
C SER B 201 24.48 -4.42 -24.76
N ARG B 202 25.24 -4.85 -25.77
CA ARG B 202 25.04 -4.40 -27.14
C ARG B 202 24.64 -5.59 -28.04
N SER B 203 24.62 -5.35 -29.35
CA SER B 203 24.13 -6.35 -30.29
C SER B 203 25.04 -7.56 -30.35
N SER B 204 26.32 -7.38 -30.02
CA SER B 204 27.27 -8.49 -29.94
C SER B 204 27.94 -8.48 -28.59
N ILE B 205 28.40 -9.67 -28.17
CA ILE B 205 29.11 -9.79 -26.91
C ILE B 205 30.45 -9.06 -26.98
N GLU B 206 31.20 -9.26 -28.07
CA GLU B 206 32.48 -8.60 -28.23
C GLU B 206 32.36 -7.09 -28.01
N ALA B 207 31.31 -6.47 -28.57
CA ALA B 207 31.11 -5.05 -28.37
C ALA B 207 30.65 -4.70 -26.96
N SER B 208 30.25 -5.68 -26.15
CA SER B 208 29.82 -5.41 -24.79
C SER B 208 30.97 -5.38 -23.80
N LEU B 209 32.07 -6.08 -24.07
CA LEU B 209 33.24 -6.11 -23.21
C LEU B 209 34.42 -5.50 -23.94
N PRO B 210 34.38 -4.20 -24.22
CA PRO B 210 35.54 -3.58 -24.90
C PRO B 210 36.80 -3.59 -24.05
N GLN B 211 36.68 -3.72 -22.72
CA GLN B 211 37.86 -3.79 -21.88
C GLN B 211 38.72 -5.01 -22.17
N LEU B 212 38.14 -6.03 -22.82
CA LEU B 212 38.90 -7.25 -23.10
C LEU B 212 39.91 -7.06 -24.23
N GLN B 213 39.64 -6.14 -25.17
CA GLN B 213 40.52 -5.97 -26.33
C GLN B 213 41.99 -5.83 -25.91
N GLY B 214 42.25 -5.12 -24.81
CA GLY B 214 43.64 -4.93 -24.40
C GLY B 214 44.24 -6.15 -23.74
N VAL B 215 43.46 -6.84 -22.89
CA VAL B 215 43.99 -7.91 -22.05
C VAL B 215 44.19 -9.19 -22.86
N ALA B 216 45.35 -9.81 -22.67
CA ALA B 216 45.60 -11.15 -23.19
C ALA B 216 45.20 -12.18 -22.14
N PRO B 217 44.37 -13.17 -22.49
CA PRO B 217 43.87 -14.10 -21.48
C PRO B 217 44.96 -15.03 -20.96
N ALA B 218 44.71 -15.58 -19.77
CA ALA B 218 45.69 -16.38 -19.04
C ALA B 218 45.26 -17.84 -18.98
N PHE B 219 46.24 -18.74 -18.97
CA PHE B 219 45.95 -20.17 -18.87
C PHE B 219 45.42 -20.52 -17.48
N ASN B 220 46.25 -20.36 -16.46
CA ASN B 220 45.86 -20.63 -15.08
C ASN B 220 45.79 -19.32 -14.30
N LEU B 221 44.59 -18.98 -13.83
CA LEU B 221 44.43 -17.82 -12.97
C LEU B 221 44.69 -18.15 -11.50
N ARG B 222 44.90 -19.43 -11.18
CA ARG B 222 45.50 -19.85 -9.91
C ARG B 222 44.72 -19.37 -8.69
N ALA B 223 43.42 -19.64 -8.66
CA ALA B 223 42.61 -19.36 -7.48
C ALA B 223 42.77 -20.49 -6.46
N GLN B 224 42.80 -20.13 -5.17
CA GLN B 224 43.06 -21.07 -4.10
C GLN B 224 41.82 -21.44 -3.29
N SER B 225 40.66 -20.87 -3.61
CA SER B 225 39.44 -21.20 -2.88
C SER B 225 39.12 -22.68 -3.00
N GLU B 226 38.68 -23.28 -1.90
CA GLU B 226 38.11 -24.61 -1.94
C GLU B 226 36.60 -24.49 -1.94
N SER B 227 35.93 -25.62 -2.20
CA SER B 227 34.48 -25.59 -2.36
C SER B 227 33.78 -25.13 -1.07
N GLU B 228 34.38 -25.39 0.09
CA GLU B 228 33.74 -25.00 1.35
C GLU B 228 34.00 -23.55 1.73
N ASP B 229 34.74 -22.80 0.90
CA ASP B 229 34.89 -21.37 1.11
C ASP B 229 33.63 -20.63 0.66
N ILE B 230 33.47 -19.42 1.20
CA ILE B 230 32.39 -18.55 0.77
C ILE B 230 32.51 -18.32 -0.73
N ALA B 231 31.38 -18.47 -1.44
CA ALA B 231 31.32 -18.22 -2.86
C ALA B 231 30.78 -16.83 -3.20
N PHE B 232 29.76 -16.37 -2.47
CA PHE B 232 29.06 -15.13 -2.82
C PHE B 232 28.18 -14.73 -1.65
N LEU B 233 27.69 -13.50 -1.70
CA LEU B 233 26.66 -13.02 -0.80
C LEU B 233 25.37 -12.82 -1.60
N GLN B 234 24.28 -13.33 -1.05
CA GLN B 234 22.95 -13.04 -1.55
C GLN B 234 22.30 -11.98 -0.67
N LEU B 235 21.16 -11.49 -1.11
CA LEU B 235 20.40 -10.50 -0.36
C LEU B 235 19.10 -11.13 0.13
N SER B 236 18.81 -11.00 1.42
CA SER B 236 17.57 -11.52 1.96
C SER B 236 16.36 -10.86 1.29
N GLY B 237 15.24 -11.57 1.31
CA GLY B 237 14.00 -11.03 0.79
C GLY B 237 13.28 -10.20 1.84
N GLY B 241 13.35 -4.20 6.87
CA GLY B 241 13.69 -3.08 6.00
C GLY B 241 15.10 -3.13 5.46
N LEU B 242 16.07 -2.95 6.35
CA LEU B 242 17.48 -2.89 5.93
C LEU B 242 17.90 -4.20 5.27
N PRO B 243 18.81 -4.14 4.30
CA PRO B 243 19.22 -5.35 3.59
C PRO B 243 20.22 -6.18 4.39
N LYS B 244 20.15 -7.49 4.19
CA LYS B 244 20.93 -8.44 4.97
C LYS B 244 21.72 -9.34 4.02
N LEU B 245 23.01 -9.51 4.32
CA LEU B 245 23.89 -10.27 3.46
C LEU B 245 23.89 -11.75 3.82
N ILE B 246 23.82 -12.59 2.80
CA ILE B 246 23.65 -14.03 2.96
C ILE B 246 24.87 -14.73 2.38
N PRO B 247 25.73 -15.34 3.20
CA PRO B 247 26.95 -15.94 2.66
C PRO B 247 26.78 -17.42 2.35
N ARG B 248 26.86 -17.80 1.07
CA ARG B 248 26.77 -19.20 0.68
C ARG B 248 28.15 -19.69 0.24
N THR B 249 28.41 -20.95 0.50
CA THR B 249 29.64 -21.56 -0.01
C THR B 249 29.35 -22.24 -1.35
N HIS B 250 30.42 -22.56 -2.07
CA HIS B 250 30.27 -23.31 -3.32
C HIS B 250 29.62 -24.66 -3.04
N ALA B 251 30.24 -25.44 -2.14
CA ALA B 251 29.77 -26.80 -1.86
C ALA B 251 28.28 -26.83 -1.52
N ASP B 252 27.83 -25.95 -0.61
CA ASP B 252 26.45 -26.05 -0.17
C ASP B 252 25.48 -25.52 -1.22
N TYR B 253 25.87 -24.46 -1.95
CA TYR B 253 25.01 -23.93 -2.99
C TYR B 253 24.93 -24.90 -4.18
N ILE B 254 26.06 -25.47 -4.57
CA ILE B 254 26.04 -26.39 -5.69
C ILE B 254 25.27 -27.65 -5.32
N TYR B 255 25.28 -28.02 -4.04
CA TYR B 255 24.46 -29.13 -3.59
C TYR B 255 22.98 -28.82 -3.73
N SER B 256 22.58 -27.57 -3.46
CA SER B 256 21.17 -27.22 -3.64
C SER B 256 20.79 -27.27 -5.12
N ILE B 257 21.71 -26.85 -6.00
CA ILE B 257 21.48 -26.92 -7.44
C ILE B 257 21.37 -28.37 -7.90
N GLU B 258 22.28 -29.23 -7.42
CA GLU B 258 22.23 -30.63 -7.81
C GLU B 258 20.89 -31.28 -7.42
N LYS B 259 20.37 -30.99 -6.22
CA LYS B 259 19.09 -31.56 -5.83
C LYS B 259 17.94 -30.93 -6.59
N SER B 260 18.03 -29.63 -6.88
CA SER B 260 16.98 -28.97 -7.65
C SER B 260 16.92 -29.54 -9.05
N VAL B 261 18.08 -29.84 -9.63
CA VAL B 261 18.12 -30.45 -10.96
C VAL B 261 17.29 -31.73 -10.99
N ASP B 262 17.54 -32.62 -10.03
CA ASP B 262 16.88 -33.94 -10.03
C ASP B 262 15.38 -33.81 -9.86
N VAL B 263 14.93 -32.93 -8.94
CA VAL B 263 13.49 -32.85 -8.70
C VAL B 263 12.78 -32.07 -9.80
N ALA B 264 13.46 -31.16 -10.49
CA ALA B 264 12.84 -30.53 -11.64
C ALA B 264 12.95 -31.38 -12.90
N GLY B 265 13.77 -32.43 -12.87
CA GLY B 265 13.88 -33.33 -14.00
C GLY B 265 14.64 -32.80 -15.18
N LEU B 266 15.57 -31.86 -14.96
CA LEU B 266 16.32 -31.30 -16.08
C LEU B 266 17.22 -32.35 -16.72
N THR B 267 17.37 -32.25 -18.04
CA THR B 267 18.33 -33.07 -18.78
C THR B 267 19.11 -32.16 -19.72
N GLN B 268 20.08 -32.73 -20.42
CA GLN B 268 20.82 -31.93 -21.39
C GLN B 268 19.94 -31.43 -22.53
N ASP B 269 18.77 -32.04 -22.72
CA ASP B 269 17.82 -31.58 -23.73
C ASP B 269 16.93 -30.46 -23.22
N THR B 270 17.04 -30.10 -21.95
CA THR B 270 16.17 -29.07 -21.39
C THR B 270 16.48 -27.72 -22.02
N LYS B 271 15.46 -27.09 -22.58
CA LYS B 271 15.46 -25.66 -22.88
C LYS B 271 14.59 -24.97 -21.84
N GLN B 272 15.10 -23.88 -21.25
CA GLN B 272 14.41 -23.19 -20.17
C GLN B 272 14.28 -21.70 -20.50
N LEU B 273 13.12 -21.15 -20.22
CA LEU B 273 12.88 -19.72 -20.39
C LEU B 273 13.11 -19.03 -19.06
N VAL B 274 13.95 -18.00 -19.08
CA VAL B 274 14.23 -17.19 -17.90
C VAL B 274 13.51 -15.86 -18.08
N VAL B 275 12.48 -15.65 -17.28
CA VAL B 275 11.81 -14.36 -17.22
C VAL B 275 12.06 -13.64 -15.91
N LEU B 276 12.31 -14.36 -14.82
CA LEU B 276 12.57 -13.74 -13.53
C LEU B 276 13.96 -13.10 -13.50
N PRO B 277 14.16 -12.13 -12.61
CA PRO B 277 15.48 -11.47 -12.52
C PRO B 277 16.59 -12.48 -12.22
N VAL B 278 17.68 -12.39 -13.00
CA VAL B 278 18.72 -13.42 -12.93
C VAL B 278 19.44 -13.39 -11.60
N MET B 279 19.46 -12.25 -10.91
CA MET B 279 20.15 -12.16 -9.63
C MET B 279 19.39 -12.83 -8.49
N HIS B 280 18.12 -13.17 -8.68
CA HIS B 280 17.34 -13.73 -7.59
C HIS B 280 17.62 -15.22 -7.42
N ASN B 281 17.57 -15.66 -6.16
CA ASN B 281 17.89 -17.06 -5.84
C ASN B 281 17.00 -18.03 -6.61
N PHE B 282 15.71 -17.71 -6.74
CA PHE B 282 14.78 -18.54 -7.48
C PHE B 282 15.28 -18.78 -8.90
N CYS B 283 15.50 -17.69 -9.63
CA CYS B 283 15.94 -17.78 -11.01
C CYS B 283 17.34 -18.39 -11.15
N MET B 284 18.17 -18.32 -10.11
CA MET B 284 19.53 -18.81 -10.22
C MET B 284 19.67 -20.30 -9.94
N SER B 285 18.85 -20.88 -9.04
CA SER B 285 19.17 -22.20 -8.51
C SER B 285 18.00 -23.13 -8.24
N SER B 286 16.75 -22.72 -8.48
CA SER B 286 15.59 -23.50 -8.09
C SER B 286 14.64 -23.80 -9.26
N PRO B 287 15.10 -24.54 -10.28
CA PRO B 287 16.47 -25.05 -10.46
C PRO B 287 17.39 -24.00 -11.11
N GLY B 288 16.79 -23.01 -11.76
CA GLY B 288 17.52 -21.85 -12.24
C GLY B 288 18.39 -22.15 -13.47
N PHE B 289 19.04 -21.10 -13.95
CA PHE B 289 19.95 -21.27 -15.07
C PHE B 289 21.17 -22.08 -14.68
N LEU B 290 21.55 -22.08 -13.39
CA LEU B 290 22.69 -22.89 -12.98
C LEU B 290 22.34 -24.37 -13.00
N GLY B 291 21.09 -24.71 -12.65
CA GLY B 291 20.65 -26.09 -12.80
C GLY B 291 20.68 -26.53 -14.24
N VAL B 292 20.26 -25.65 -15.16
CA VAL B 292 20.31 -26.00 -16.58
C VAL B 292 21.75 -26.15 -17.05
N PHE B 293 22.64 -25.23 -16.65
CA PHE B 293 24.06 -25.40 -16.97
C PHE B 293 24.59 -26.71 -16.41
N TYR B 294 24.12 -27.07 -15.22
CA TYR B 294 24.61 -28.26 -14.52
C TYR B 294 24.46 -29.51 -15.37
N VAL B 295 23.37 -29.59 -16.14
CA VAL B 295 23.12 -30.73 -17.02
C VAL B 295 23.42 -30.42 -18.48
N GLY B 296 23.93 -29.23 -18.77
CA GLY B 296 24.29 -28.90 -20.12
C GLY B 296 23.11 -28.64 -21.03
N GLY B 297 22.01 -28.12 -20.49
CA GLY B 297 20.88 -27.69 -21.28
C GLY B 297 21.08 -26.27 -21.78
N THR B 298 20.01 -25.70 -22.30
CA THR B 298 20.03 -24.35 -22.88
C THR B 298 19.14 -23.41 -22.08
N VAL B 299 19.62 -22.19 -21.89
CA VAL B 299 18.88 -21.12 -21.23
C VAL B 299 18.53 -20.06 -22.28
N VAL B 300 17.26 -19.70 -22.36
CA VAL B 300 16.81 -18.62 -23.23
C VAL B 300 16.49 -17.44 -22.32
N LEU B 301 17.20 -16.34 -22.52
CA LEU B 301 17.16 -15.20 -21.62
C LEU B 301 16.28 -14.12 -22.23
N SER B 302 15.20 -13.78 -21.54
CA SER B 302 14.32 -12.69 -21.95
C SER B 302 14.56 -11.51 -21.01
N GLN B 303 14.72 -10.32 -21.60
CA GLN B 303 14.73 -9.08 -20.84
C GLN B 303 13.33 -8.65 -20.42
N LEU B 304 12.29 -9.31 -20.94
CA LEU B 304 10.91 -8.88 -20.75
C LEU B 304 10.09 -10.03 -20.19
N THR B 305 9.02 -9.65 -19.48
CA THR B 305 7.98 -10.59 -19.08
C THR B 305 6.74 -10.51 -19.96
N HIS B 306 6.70 -9.56 -20.89
CA HIS B 306 5.55 -9.36 -21.75
C HIS B 306 5.09 -10.70 -22.33
N PRO B 307 3.83 -11.09 -22.13
CA PRO B 307 3.37 -12.40 -22.61
C PRO B 307 3.72 -12.70 -24.07
N ARG B 308 3.41 -11.77 -24.98
CA ARG B 308 3.61 -12.05 -26.40
C ARG B 308 5.06 -12.40 -26.70
N VAL B 309 6.00 -11.64 -26.11
CA VAL B 309 7.41 -11.92 -26.31
C VAL B 309 7.77 -13.29 -25.75
N CYS B 310 7.19 -13.65 -24.61
CA CYS B 310 7.53 -14.92 -23.98
C CYS B 310 6.88 -16.10 -24.71
N PHE B 311 5.61 -15.96 -25.12
CA PHE B 311 4.99 -16.98 -25.94
C PHE B 311 5.79 -17.22 -27.21
N GLU B 312 6.24 -16.15 -27.86
CA GLU B 312 7.05 -16.28 -29.07
C GLU B 312 8.31 -17.08 -28.81
N LEU B 313 9.00 -16.78 -27.71
CA LEU B 313 10.21 -17.51 -27.37
C LEU B 313 9.92 -18.97 -27.04
N ILE B 314 8.84 -19.23 -26.31
CA ILE B 314 8.47 -20.61 -26.00
C ILE B 314 8.25 -21.40 -27.28
N GLU B 315 7.48 -20.83 -28.21
CA GLU B 315 7.21 -21.53 -29.47
C GLU B 315 8.46 -21.67 -30.32
N LYS B 316 9.25 -20.60 -30.43
CA LYS B 316 10.43 -20.64 -31.30
C LYS B 316 11.43 -21.67 -30.83
N TYR B 317 11.79 -21.64 -29.56
CA TYR B 317 12.84 -22.51 -29.04
C TYR B 317 12.30 -23.79 -28.42
N GLN B 318 11.00 -24.02 -28.49
CA GLN B 318 10.39 -25.21 -27.91
C GLN B 318 10.76 -25.34 -26.43
N ILE B 319 10.48 -24.28 -25.67
CA ILE B 319 10.76 -24.24 -24.24
C ILE B 319 9.95 -25.30 -23.51
N GLN B 320 10.59 -26.06 -22.61
CA GLN B 320 9.91 -27.05 -21.79
C GLN B 320 9.65 -26.59 -20.36
N GLN B 321 10.44 -25.65 -19.84
CA GLN B 321 10.33 -25.25 -18.45
C GLN B 321 10.51 -23.75 -18.32
N VAL B 322 9.75 -23.15 -17.40
CA VAL B 322 9.92 -21.76 -17.04
C VAL B 322 9.50 -21.62 -15.58
N SER B 323 10.18 -20.71 -14.87
CA SER B 323 9.88 -20.40 -13.47
C SER B 323 9.17 -19.06 -13.42
N LEU B 324 8.02 -19.01 -12.75
CA LEU B 324 7.24 -17.79 -12.65
C LEU B 324 6.88 -17.53 -11.19
N VAL B 325 6.41 -16.31 -10.95
CA VAL B 325 5.70 -15.96 -9.73
C VAL B 325 4.23 -15.83 -10.08
N PRO B 326 3.30 -15.87 -9.11
CA PRO B 326 1.87 -15.75 -9.45
C PRO B 326 1.54 -14.58 -10.36
N ALA B 327 2.06 -13.38 -10.07
CA ALA B 327 1.65 -12.20 -10.82
C ALA B 327 1.98 -12.34 -12.31
N ILE B 328 3.08 -13.00 -12.64
CA ILE B 328 3.41 -13.24 -14.04
C ILE B 328 2.44 -14.25 -14.63
N ALA B 329 2.19 -15.34 -13.91
CA ALA B 329 1.24 -16.34 -14.38
C ALA B 329 -0.11 -15.71 -14.69
N THR B 330 -0.57 -14.80 -13.83
CA THR B 330 -1.82 -14.08 -14.09
C THR B 330 -1.75 -13.30 -15.40
N LEU B 331 -0.64 -12.58 -15.60
CA LEU B 331 -0.46 -11.78 -16.80
C LEU B 331 -0.51 -12.64 -18.05
N TRP B 332 0.11 -13.83 -18.01
CA TRP B 332 0.10 -14.72 -19.16
C TRP B 332 -1.29 -15.28 -19.41
N LEU B 333 -1.97 -15.76 -18.36
CA LEU B 333 -3.28 -16.36 -18.54
C LEU B 333 -4.29 -15.37 -19.09
N ASN B 334 -4.16 -14.09 -18.75
CA ASN B 334 -5.08 -13.05 -19.20
C ASN B 334 -4.63 -12.38 -20.49
N ALA B 335 -3.54 -12.84 -21.10
CA ALA B 335 -3.06 -12.22 -22.32
C ALA B 335 -3.94 -12.58 -23.51
N GLU B 336 -4.17 -11.59 -24.38
CA GLU B 336 -4.97 -11.85 -25.57
C GLU B 336 -4.19 -12.67 -26.60
N SER B 337 -2.86 -12.61 -26.58
CA SER B 337 -2.05 -13.38 -27.51
C SER B 337 -1.85 -14.83 -27.06
N LEU B 338 -2.50 -15.27 -25.98
CA LEU B 338 -2.28 -16.61 -25.47
C LEU B 338 -2.62 -17.67 -26.52
N LYS B 339 -3.67 -17.43 -27.30
CA LYS B 339 -4.12 -18.39 -28.32
C LYS B 339 -3.31 -18.33 -29.60
N ASP B 340 -2.38 -17.39 -29.74
CA ASP B 340 -1.71 -17.14 -31.01
C ASP B 340 -0.42 -17.92 -31.19
N TYR B 341 0.08 -18.57 -30.15
CA TYR B 341 1.39 -19.21 -30.20
C TYR B 341 1.28 -20.66 -29.75
N ASP B 342 2.09 -21.51 -30.36
CA ASP B 342 2.12 -22.93 -29.99
C ASP B 342 2.97 -23.08 -28.73
N LEU B 343 2.30 -23.33 -27.60
CA LEU B 343 2.99 -23.55 -26.33
C LEU B 343 2.98 -25.02 -25.95
N SER B 344 2.82 -25.92 -26.92
CA SER B 344 2.71 -27.33 -26.60
C SER B 344 4.00 -27.92 -26.04
N SER B 345 5.15 -27.28 -26.29
CA SER B 345 6.39 -27.83 -25.78
C SER B 345 6.52 -27.69 -24.27
N LEU B 346 5.74 -26.80 -23.66
CA LEU B 346 5.79 -26.58 -22.22
C LEU B 346 5.45 -27.86 -21.46
N GLN B 347 6.34 -28.29 -20.57
CA GLN B 347 6.12 -29.46 -19.73
C GLN B 347 5.94 -29.15 -18.25
N VAL B 348 6.76 -28.26 -17.69
CA VAL B 348 6.76 -27.99 -16.25
C VAL B 348 6.91 -26.49 -16.02
N VAL B 349 6.06 -25.94 -15.17
CA VAL B 349 6.13 -24.54 -14.78
C VAL B 349 6.35 -24.49 -13.27
N GLN B 350 7.49 -23.93 -12.85
CA GLN B 350 7.71 -23.67 -11.44
C GLN B 350 7.01 -22.38 -11.05
N VAL B 351 6.37 -22.38 -9.89
CA VAL B 351 5.79 -21.17 -9.31
C VAL B 351 6.25 -21.08 -7.87
N GLY B 352 6.78 -19.92 -7.49
CA GLY B 352 7.13 -19.65 -6.12
C GLY B 352 7.13 -18.16 -5.87
N GLY B 353 7.57 -17.79 -4.67
CA GLY B 353 7.86 -16.39 -4.39
C GLY B 353 6.77 -15.64 -3.65
N ALA B 354 5.51 -15.90 -4.02
CA ALA B 354 4.37 -15.29 -3.39
C ALA B 354 3.29 -16.35 -3.22
N LYS B 355 2.24 -16.00 -2.47
CA LYS B 355 1.15 -16.95 -2.28
C LYS B 355 0.47 -17.24 -3.62
N LEU B 356 0.36 -18.53 -3.94
CA LEU B 356 -0.33 -18.98 -5.14
C LEU B 356 -1.70 -19.55 -4.72
N LEU B 357 -2.76 -18.92 -5.20
CA LEU B 357 -4.10 -19.34 -4.84
C LEU B 357 -4.45 -20.65 -5.54
N PRO B 358 -5.19 -21.54 -4.88
CA PRO B 358 -5.59 -22.80 -5.52
C PRO B 358 -6.24 -22.62 -6.88
N SER B 359 -7.14 -21.62 -7.01
CA SER B 359 -7.82 -21.41 -8.28
C SER B 359 -6.82 -21.00 -9.37
N LEU B 360 -5.88 -20.13 -9.04
CA LEU B 360 -4.84 -19.77 -9.99
C LEU B 360 -3.99 -20.97 -10.36
N ALA B 361 -3.70 -21.84 -9.39
CA ALA B 361 -2.94 -23.04 -9.70
C ALA B 361 -3.69 -23.96 -10.66
N GLU B 362 -5.00 -24.13 -10.44
CA GLU B 362 -5.82 -24.89 -11.37
C GLU B 362 -5.77 -24.28 -12.76
N GLN B 363 -5.88 -22.95 -12.85
CA GLN B 363 -5.86 -22.28 -14.14
C GLN B 363 -4.57 -22.55 -14.89
N ILE B 364 -3.43 -22.43 -14.21
CA ILE B 364 -2.15 -22.71 -14.84
C ILE B 364 -2.10 -24.15 -15.34
N ILE B 365 -2.56 -25.09 -14.52
CA ILE B 365 -2.52 -26.49 -14.90
C ILE B 365 -3.42 -26.74 -16.11
N ASP B 366 -4.63 -26.18 -16.10
CA ASP B 366 -5.59 -26.44 -17.16
C ASP B 366 -5.29 -25.63 -18.43
N THR B 367 -4.93 -24.36 -18.27
CA THR B 367 -4.75 -23.52 -19.46
C THR B 367 -3.40 -23.76 -20.13
N LEU B 368 -2.31 -23.82 -19.35
CA LEU B 368 -1.01 -24.07 -19.95
C LEU B 368 -0.76 -25.56 -20.22
N GLN B 369 -1.56 -26.44 -19.62
CA GLN B 369 -1.46 -27.88 -19.87
C GLN B 369 -0.07 -28.40 -19.50
N VAL B 370 0.35 -28.08 -18.28
CA VAL B 370 1.69 -28.39 -17.79
C VAL B 370 1.56 -29.14 -16.48
N LYS B 371 2.69 -29.67 -16.02
CA LYS B 371 2.82 -30.11 -14.64
C LYS B 371 3.23 -28.90 -13.81
N LEU B 372 2.38 -28.50 -12.87
CA LEU B 372 2.70 -27.39 -12.00
C LEU B 372 3.63 -27.86 -10.90
N GLN B 373 4.71 -27.11 -10.66
CA GLN B 373 5.68 -27.46 -9.63
C GLN B 373 5.83 -26.27 -8.69
N GLN B 374 5.16 -26.33 -7.54
CA GLN B 374 5.28 -25.25 -6.57
C GLN B 374 6.63 -25.31 -5.88
N VAL B 375 7.21 -24.14 -5.63
CA VAL B 375 8.53 -24.00 -5.05
C VAL B 375 8.42 -23.00 -3.91
N TYR B 376 8.71 -23.45 -2.69
CA TYR B 376 8.80 -22.58 -1.53
C TYR B 376 10.25 -22.60 -1.04
N GLY B 377 10.93 -21.46 -1.13
CA GLY B 377 12.33 -21.38 -0.80
C GLY B 377 12.69 -19.98 -0.32
N MET B 378 13.97 -19.79 -0.04
CA MET B 378 14.49 -18.53 0.48
C MET B 378 15.99 -18.52 0.21
N ALA B 379 16.54 -17.32 -0.01
CA ALA B 379 17.97 -17.22 -0.24
C ALA B 379 18.79 -17.66 0.98
N GLU B 380 18.19 -17.68 2.17
CA GLU B 380 18.92 -18.15 3.34
C GLU B 380 19.19 -19.65 3.29
N GLY B 381 18.42 -20.40 2.50
CA GLY B 381 18.75 -21.80 2.32
C GLY B 381 17.59 -22.62 1.84
N LEU B 382 16.79 -23.12 2.79
CA LEU B 382 15.74 -24.11 2.52
C LEU B 382 15.01 -23.85 1.21
N VAL B 383 14.91 -24.89 0.38
CA VAL B 383 14.07 -24.88 -0.79
C VAL B 383 13.20 -26.15 -0.77
N ASN B 384 11.91 -25.99 -1.05
CA ASN B 384 10.97 -27.09 -1.16
C ASN B 384 10.33 -27.10 -2.53
N PHE B 385 10.20 -28.30 -3.11
CA PHE B 385 9.53 -28.50 -4.39
C PHE B 385 8.44 -29.54 -4.24
N THR B 386 7.30 -29.32 -4.90
CA THR B 386 6.46 -30.46 -5.26
C THR B 386 7.17 -31.27 -6.34
N HIS B 387 6.83 -32.54 -6.42
CA HIS B 387 7.50 -33.47 -7.32
C HIS B 387 6.66 -33.70 -8.57
N LEU B 388 7.34 -34.05 -9.66
CA LEU B 388 6.66 -34.24 -10.94
C LEU B 388 5.67 -35.39 -10.90
N ASP B 389 5.96 -36.45 -10.15
CA ASP B 389 5.03 -37.57 -10.03
C ASP B 389 4.00 -37.35 -8.93
N ASP B 390 4.02 -36.19 -8.26
CA ASP B 390 2.95 -35.83 -7.35
C ASP B 390 1.64 -35.66 -8.11
N SER B 391 0.53 -35.94 -7.44
CA SER B 391 -0.78 -35.70 -8.03
C SER B 391 -1.00 -34.21 -8.28
N ASP B 392 -1.91 -33.91 -9.21
CA ASP B 392 -2.28 -32.53 -9.49
C ASP B 392 -2.71 -31.82 -8.21
N GLN B 393 -3.56 -32.46 -7.40
CA GLN B 393 -4.09 -31.79 -6.22
C GLN B 393 -2.99 -31.44 -5.24
N ILE B 394 -1.99 -32.32 -5.11
CA ILE B 394 -0.89 -32.05 -4.19
C ILE B 394 -0.08 -30.85 -4.69
N THR B 395 0.15 -30.75 -6.00
CA THR B 395 0.85 -29.58 -6.51
C THR B 395 0.02 -28.32 -6.37
N ILE B 396 -1.31 -28.45 -6.25
CA ILE B 396 -2.18 -27.29 -6.12
C ILE B 396 -2.18 -26.75 -4.70
N GLN B 397 -2.10 -27.63 -3.71
CA GLN B 397 -2.34 -27.25 -2.32
C GLN B 397 -1.08 -27.16 -1.47
N THR B 398 0.08 -27.55 -1.97
CA THR B 398 1.26 -27.61 -1.11
C THR B 398 2.47 -27.07 -1.85
N GLN B 399 3.50 -26.76 -1.08
CA GLN B 399 4.81 -26.39 -1.62
C GLN B 399 5.82 -27.52 -1.52
N GLY B 400 5.36 -28.74 -1.22
CA GLY B 400 6.18 -29.92 -1.42
C GLY B 400 7.22 -30.25 -0.37
N LYS B 401 8.28 -30.91 -0.82
CA LYS B 401 9.27 -31.55 0.04
C LYS B 401 10.61 -30.84 -0.04
N LYS B 402 11.30 -30.83 1.10
CA LYS B 402 12.62 -30.23 1.19
C LYS B 402 13.59 -30.92 0.24
N LEU B 403 14.58 -30.17 -0.24
CA LEU B 403 15.53 -30.71 -1.21
C LEU B 403 16.25 -31.94 -0.65
N SER B 404 16.73 -31.85 0.59
CA SER B 404 17.70 -32.79 1.12
C SER B 404 17.13 -33.56 2.30
N HIS B 405 17.50 -34.84 2.40
CA HIS B 405 17.11 -35.62 3.56
C HIS B 405 17.74 -35.09 4.84
N LEU B 406 18.80 -34.28 4.73
CA LEU B 406 19.40 -33.66 5.91
C LEU B 406 18.85 -32.28 6.20
N ASP B 407 17.93 -31.77 5.37
CA ASP B 407 17.16 -30.59 5.75
C ASP B 407 16.30 -30.91 6.96
N GLU B 408 16.22 -29.97 7.89
CA GLU B 408 15.38 -30.10 9.07
C GLU B 408 14.39 -28.95 9.07
N ILE B 409 13.10 -29.26 9.16
CA ILE B 409 12.05 -28.26 9.22
C ILE B 409 11.34 -28.41 10.56
N ARG B 410 11.25 -27.32 11.30
CA ARG B 410 10.59 -27.31 12.60
C ARG B 410 9.44 -26.31 12.56
N ILE B 411 8.24 -26.80 12.81
CA ILE B 411 7.06 -25.94 12.98
C ILE B 411 6.98 -25.62 14.46
N ALA B 412 7.45 -24.44 14.85
CA ALA B 412 7.59 -24.09 16.24
C ALA B 412 6.34 -23.38 16.74
N ASP B 413 6.08 -23.51 18.04
CA ASP B 413 4.94 -22.86 18.67
C ASP B 413 5.36 -21.47 19.16
N GLN B 414 4.55 -20.88 20.04
CA GLN B 414 4.88 -19.57 20.59
C GLN B 414 6.19 -19.60 21.36
N ASP B 415 6.47 -20.71 22.04
CA ASP B 415 7.64 -20.85 22.89
C ASP B 415 8.79 -21.61 22.23
N GLY B 416 8.71 -21.84 20.92
CA GLY B 416 9.79 -22.47 20.20
C GLY B 416 9.73 -23.99 20.12
N ASN B 417 8.72 -24.62 20.72
CA ASN B 417 8.65 -26.06 20.74
C ASN B 417 8.13 -26.60 19.42
N ALA B 418 8.71 -27.71 18.98
CA ALA B 418 8.28 -28.32 17.74
C ALA B 418 6.84 -28.83 17.87
N LEU B 419 6.04 -28.61 16.83
CA LEU B 419 4.67 -29.07 16.78
C LEU B 419 4.56 -30.31 15.90
N PRO B 420 3.45 -31.04 16.01
CA PRO B 420 3.26 -32.24 15.20
C PRO B 420 2.67 -31.91 13.83
N ILE B 421 2.60 -32.94 12.99
CA ILE B 421 2.07 -32.78 11.64
C ILE B 421 0.63 -32.30 11.69
N ASN B 422 0.26 -31.45 10.73
CA ASN B 422 -1.07 -30.86 10.62
C ASN B 422 -1.26 -29.72 11.62
N ALA B 423 -0.22 -29.34 12.35
CA ALA B 423 -0.27 -28.23 13.29
C ALA B 423 0.42 -27.01 12.70
N ILE B 424 -0.20 -25.83 12.85
CA ILE B 424 0.28 -24.60 12.22
C ILE B 424 1.20 -23.87 13.19
N GLY B 425 2.37 -23.47 12.71
CA GLY B 425 3.32 -22.77 13.55
C GLY B 425 4.34 -22.00 12.75
N HIS B 426 5.39 -21.55 13.45
CA HIS B 426 6.49 -20.82 12.84
C HIS B 426 7.42 -21.80 12.12
N ILE B 427 7.63 -21.58 10.83
CA ILE B 427 8.53 -22.41 10.04
C ILE B 427 9.97 -22.03 10.38
N GLN B 428 10.70 -22.97 10.96
CA GLN B 428 12.13 -22.82 11.21
C GLN B 428 12.87 -23.96 10.53
N THR B 429 14.09 -23.69 10.08
CA THR B 429 14.77 -24.70 9.28
C THR B 429 16.27 -24.62 9.49
N ARG B 430 16.91 -25.77 9.35
CA ARG B 430 18.35 -25.93 9.47
C ARG B 430 18.74 -27.06 8.54
N GLY B 431 19.93 -26.95 7.93
CA GLY B 431 20.38 -28.00 7.04
C GLY B 431 21.67 -27.71 6.30
N PRO B 432 21.97 -28.54 5.30
CA PRO B 432 23.29 -28.50 4.66
C PRO B 432 23.51 -27.32 3.72
N TYR B 433 22.46 -26.59 3.31
CA TYR B 433 22.68 -25.40 2.49
C TYR B 433 21.97 -24.18 3.07
N THR B 434 21.65 -24.22 4.37
CA THR B 434 21.02 -23.11 5.07
C THR B 434 22.07 -22.37 5.92
N ILE B 435 22.08 -21.04 5.80
CA ILE B 435 23.10 -20.24 6.46
C ILE B 435 22.95 -20.36 7.98
N ASN B 436 24.06 -20.12 8.68
CA ASN B 436 24.11 -20.17 10.13
C ASN B 436 24.16 -18.79 10.77
N GLY B 437 24.27 -17.74 9.96
CA GLY B 437 24.12 -16.37 10.38
C GLY B 437 24.24 -15.46 9.18
N TYR B 438 23.65 -14.27 9.23
CA TYR B 438 23.92 -13.31 8.17
C TYR B 438 25.36 -12.83 8.27
N TYR B 439 25.85 -12.22 7.19
CA TYR B 439 27.24 -11.82 7.13
C TYR B 439 27.44 -10.50 7.89
N ASN B 440 28.37 -10.51 8.86
CA ASN B 440 28.79 -9.28 9.51
C ASN B 440 27.60 -8.55 10.13
N LEU B 441 26.81 -9.29 10.93
CA LEU B 441 25.54 -8.81 11.48
C LEU B 441 25.26 -9.45 12.84
N PRO B 442 26.18 -9.31 13.80
CA PRO B 442 26.03 -10.05 15.07
C PRO B 442 24.72 -9.77 15.80
N GLU B 443 24.32 -8.51 15.89
CA GLU B 443 23.14 -8.17 16.69
C GLU B 443 21.88 -8.79 16.09
N ILE B 444 21.72 -8.69 14.78
CA ILE B 444 20.54 -9.27 14.15
C ILE B 444 20.61 -10.80 14.18
N ASN B 445 21.81 -11.37 14.16
CA ASN B 445 21.92 -12.83 14.15
C ASN B 445 21.38 -13.44 15.45
N GLN B 446 21.50 -12.73 16.57
CA GLN B 446 21.00 -13.27 17.83
C GLN B 446 19.49 -13.42 17.85
N ARG B 447 18.78 -12.73 16.95
CA ARG B 447 17.33 -12.82 16.87
C ARG B 447 16.83 -13.60 15.65
N ALA B 448 17.62 -13.70 14.58
CA ALA B 448 17.15 -14.39 13.39
C ALA B 448 17.35 -15.89 13.45
N PHE B 449 18.15 -16.39 14.38
CA PHE B 449 18.44 -17.81 14.52
C PHE B 449 18.18 -18.25 15.95
N THR B 450 17.59 -19.42 16.13
CA THR B 450 17.33 -19.93 17.48
C THR B 450 18.66 -20.31 18.15
N GLN B 451 18.56 -20.64 19.44
CA GLN B 451 19.76 -20.99 20.18
C GLN B 451 20.43 -22.23 19.60
N ASP B 452 19.64 -23.18 19.08
CA ASP B 452 20.17 -24.39 18.50
C ASP B 452 20.40 -24.28 16.99
N GLY B 453 20.38 -23.08 16.44
CA GLY B 453 20.84 -22.87 15.08
C GLY B 453 19.83 -23.06 13.97
N PHE B 454 18.54 -23.03 14.28
CA PHE B 454 17.53 -23.00 13.23
C PHE B 454 17.30 -21.58 12.77
N TYR B 455 17.22 -21.39 11.45
CA TYR B 455 16.88 -20.09 10.87
C TYR B 455 15.38 -19.85 10.99
N LYS B 456 14.98 -18.67 11.46
CA LYS B 456 13.57 -18.32 11.63
C LYS B 456 13.07 -17.62 10.36
N THR B 457 12.20 -18.28 9.61
CA THR B 457 11.82 -17.78 8.29
C THR B 457 10.90 -16.58 8.36
N GLY B 458 10.09 -16.46 9.41
CA GLY B 458 9.04 -15.47 9.44
C GLY B 458 7.75 -15.91 8.79
N ASP B 459 7.73 -17.08 8.14
CA ASP B 459 6.51 -17.65 7.58
C ASP B 459 5.88 -18.64 8.54
N ILE B 460 4.57 -18.81 8.41
CA ILE B 460 3.80 -19.75 9.21
C ILE B 460 3.23 -20.81 8.27
N GLY B 461 3.03 -22.00 8.81
CA GLY B 461 2.49 -23.09 8.03
C GLY B 461 2.56 -24.39 8.81
N TYR B 462 2.39 -25.49 8.08
CA TYR B 462 2.36 -26.80 8.71
C TYR B 462 2.89 -27.84 7.75
N LEU B 463 3.21 -29.02 8.30
CA LEU B 463 3.58 -30.18 7.53
C LEU B 463 2.42 -31.18 7.57
N ASP B 464 2.07 -31.72 6.41
CA ASP B 464 0.93 -32.62 6.28
C ASP B 464 1.38 -34.08 6.38
N GLU B 465 0.44 -34.99 6.14
CA GLU B 465 0.69 -36.42 6.30
C GLU B 465 1.83 -36.91 5.42
N ASN B 466 1.90 -36.44 4.18
CA ASN B 466 2.98 -36.85 3.27
C ASN B 466 4.28 -36.09 3.54
N LEU B 467 4.29 -35.25 4.58
CA LEU B 467 5.44 -34.39 4.88
C LEU B 467 5.70 -33.37 3.77
N ASN B 468 4.62 -32.97 3.08
CA ASN B 468 4.66 -31.82 2.19
C ASN B 468 4.37 -30.58 3.02
N ILE B 469 5.15 -29.53 2.82
CA ILE B 469 4.94 -28.31 3.57
C ILE B 469 3.78 -27.53 2.95
N VAL B 470 2.99 -26.89 3.81
CA VAL B 470 1.91 -26.01 3.38
C VAL B 470 2.13 -24.66 4.05
N VAL B 471 2.48 -23.65 3.25
CA VAL B 471 2.70 -22.31 3.76
C VAL B 471 1.36 -21.58 3.74
N THR B 472 0.79 -21.37 4.92
CA THR B 472 -0.48 -20.69 5.06
C THR B 472 -0.33 -19.21 5.42
N GLY B 473 0.89 -18.68 5.42
CA GLY B 473 1.13 -17.30 5.78
C GLY B 473 2.56 -16.87 5.57
N ARG B 474 2.81 -16.10 4.52
CA ARG B 474 4.13 -15.56 4.28
C ARG B 474 4.30 -14.24 5.05
N GLU B 475 5.51 -13.70 5.04
CA GLU B 475 5.77 -12.43 5.70
C GLU B 475 4.83 -11.35 5.17
N LYS B 476 4.05 -10.74 6.07
CA LYS B 476 2.96 -9.87 5.65
C LYS B 476 3.49 -8.66 4.88
N GLU B 477 2.69 -8.19 3.93
CA GLU B 477 3.05 -7.04 3.13
C GLU B 477 2.92 -5.76 3.95
N GLN B 478 3.69 -4.75 3.57
CA GLN B 478 3.64 -3.47 4.26
C GLN B 478 2.22 -2.90 4.21
N ILE B 479 1.70 -2.51 5.37
CA ILE B 479 0.39 -1.89 5.45
C ILE B 479 0.52 -0.43 5.05
N ASN B 480 -0.34 0.03 4.14
CA ASN B 480 -0.33 1.41 3.68
C ASN B 480 -1.47 2.15 4.36
N ARG B 481 -1.13 2.94 5.37
CA ARG B 481 -2.09 3.68 6.17
C ARG B 481 -1.84 5.16 5.95
N SER B 482 -2.78 5.82 5.25
CA SER B 482 -2.74 7.26 5.06
C SER B 482 -1.37 7.72 4.57
N GLY B 483 -0.85 7.01 3.56
CA GLY B 483 0.42 7.34 2.94
C GLY B 483 1.65 6.91 3.69
N GLU B 484 1.51 6.24 4.83
CA GLU B 484 2.65 5.82 5.61
C GLU B 484 2.86 4.30 5.59
N ILE B 486 4.00 1.02 7.33
CA ILE B 486 3.80 0.12 8.47
C ILE B 486 4.10 -1.33 8.07
N THR B 487 5.10 -1.93 8.72
CA THR B 487 5.44 -3.31 8.46
C THR B 487 4.84 -4.19 9.56
N PRO B 488 4.00 -5.18 9.20
CA PRO B 488 3.38 -6.00 10.25
C PRO B 488 4.37 -6.69 11.18
N SER B 489 5.57 -7.01 10.71
CA SER B 489 6.50 -7.80 11.52
C SER B 489 7.08 -6.99 12.68
N GLU B 490 7.13 -5.67 12.56
CA GLU B 490 7.78 -4.88 13.61
C GLU B 490 6.84 -4.59 14.76
N ILE B 491 5.57 -4.31 14.47
CA ILE B 491 4.59 -4.09 15.53
C ILE B 491 4.38 -5.36 16.35
N GLU B 492 4.30 -6.51 15.67
CA GLU B 492 4.11 -7.77 16.38
C GLU B 492 5.25 -8.03 17.35
N GLU B 493 6.49 -7.69 16.96
CA GLU B 493 7.63 -7.92 17.84
C GLU B 493 7.54 -7.11 19.12
N PHE B 494 6.85 -5.97 19.08
CA PHE B 494 6.61 -5.19 20.29
C PHE B 494 5.39 -5.68 21.05
N ILE B 495 4.28 -5.96 20.36
CA ILE B 495 3.07 -6.39 21.02
C ILE B 495 3.26 -7.72 21.74
N LEU B 496 4.30 -8.48 21.39
CA LEU B 496 4.61 -9.73 22.09
C LEU B 496 5.29 -9.48 23.43
N GLN B 497 5.99 -8.35 23.59
CA GLN B 497 6.64 -8.04 24.85
C GLN B 497 5.63 -7.76 25.95
N TYR B 498 4.38 -7.45 25.60
CA TYR B 498 3.35 -7.23 26.62
C TYR B 498 3.17 -8.50 27.45
N PRO B 499 3.09 -8.38 28.79
CA PRO B 499 3.15 -9.59 29.63
C PRO B 499 1.85 -10.40 29.63
N SER B 500 0.89 -10.04 28.79
CA SER B 500 -0.36 -10.77 28.70
C SER B 500 -0.62 -11.40 27.34
N VAL B 501 0.07 -10.98 26.29
CA VAL B 501 -0.12 -11.55 24.96
C VAL B 501 0.72 -12.81 24.83
N LYS B 502 0.10 -13.87 24.31
CA LYS B 502 0.83 -15.08 23.94
C LYS B 502 1.17 -15.12 22.46
N ASP B 503 0.35 -14.48 21.62
CA ASP B 503 0.57 -14.41 20.19
C ASP B 503 -0.17 -13.19 19.66
N VAL B 504 0.14 -12.83 18.41
CA VAL B 504 -0.50 -11.68 17.78
C VAL B 504 -0.24 -11.69 16.28
N CYS B 505 -1.21 -11.22 15.50
CA CYS B 505 -1.08 -11.06 14.06
C CYS B 505 -1.48 -9.65 13.69
N VAL B 506 -0.56 -8.90 13.08
CA VAL B 506 -0.83 -7.53 12.65
C VAL B 506 -1.27 -7.58 11.19
N ILE B 507 -2.57 -7.43 10.96
CA ILE B 507 -3.17 -7.50 9.64
C ILE B 507 -3.66 -6.11 9.24
N GLY B 508 -3.47 -5.75 7.98
CA GLY B 508 -4.01 -4.50 7.46
C GLY B 508 -5.41 -4.67 6.93
N VAL B 509 -6.36 -3.91 7.47
CA VAL B 509 -7.76 -3.99 7.08
C VAL B 509 -8.06 -2.82 6.14
N SER B 510 -8.45 -3.15 4.91
CA SER B 510 -8.81 -2.11 3.95
C SER B 510 -9.88 -1.20 4.56
N ASP B 511 -9.70 0.10 4.38
CA ASP B 511 -10.52 1.08 5.06
C ASP B 511 -10.81 2.22 4.08
N ASP B 512 -12.08 2.56 3.95
CA ASP B 512 -12.46 3.56 2.96
C ASP B 512 -12.01 4.97 3.32
N TYR B 513 -11.48 5.17 4.52
CA TYR B 513 -11.13 6.50 5.00
C TYR B 513 -9.67 6.67 5.39
N LEU B 514 -8.95 5.58 5.66
CA LEU B 514 -7.51 5.63 5.87
C LEU B 514 -6.75 4.84 4.81
N GLY B 515 -7.45 4.28 3.83
CA GLY B 515 -6.84 3.37 2.86
C GLY B 515 -6.66 1.98 3.41
N GLU B 516 -6.03 1.87 4.58
CA GLU B 516 -5.94 0.61 5.30
C GLU B 516 -5.56 0.86 6.76
N ARG B 517 -6.34 0.35 7.69
CA ARG B 517 -6.03 0.47 9.10
C ARG B 517 -5.32 -0.79 9.59
N ILE B 518 -4.64 -0.65 10.73
CA ILE B 518 -3.84 -1.73 11.32
C ILE B 518 -4.69 -2.44 12.37
N LYS B 519 -4.88 -3.73 12.20
CA LYS B 519 -5.64 -4.56 13.14
C LYS B 519 -4.73 -5.63 13.71
N ALA B 520 -4.64 -5.69 15.04
CA ALA B 520 -3.84 -6.70 15.73
C ALA B 520 -4.76 -7.78 16.27
N ILE B 521 -4.53 -9.01 15.84
CA ILE B 521 -5.29 -10.17 16.30
C ILE B 521 -4.45 -10.83 17.39
N ILE B 522 -4.83 -10.61 18.65
CA ILE B 522 -4.05 -11.05 19.80
C ILE B 522 -4.66 -12.33 20.37
N ILE B 523 -3.80 -13.25 20.78
CA ILE B 523 -4.21 -14.44 21.54
C ILE B 523 -3.71 -14.25 22.97
N PRO B 524 -4.60 -14.06 23.95
CA PRO B 524 -4.15 -13.78 25.32
C PRO B 524 -3.54 -14.99 26.00
N LYS B 525 -3.13 -14.81 27.25
CA LYS B 525 -2.58 -15.90 28.06
C LYS B 525 -3.69 -16.66 28.78
N ASN B 532 -8.96 -4.20 24.81
CA ASN B 532 -7.79 -3.63 25.48
C ASN B 532 -6.97 -2.80 24.49
N LEU B 533 -7.64 -2.26 23.47
CA LEU B 533 -6.96 -1.48 22.45
C LEU B 533 -6.31 -0.22 23.06
N LYS B 534 -6.97 0.38 24.04
CA LYS B 534 -6.37 1.53 24.73
C LYS B 534 -5.10 1.11 25.48
N ASN B 535 -5.09 -0.11 26.03
CA ASN B 535 -3.92 -0.60 26.75
C ASN B 535 -2.76 -0.89 25.79
N ILE B 536 -3.04 -1.58 24.69
CA ILE B 536 -1.99 -1.89 23.73
C ILE B 536 -1.33 -0.61 23.23
N ARG B 537 -2.14 0.35 22.78
CA ARG B 537 -1.59 1.57 22.21
C ARG B 537 -0.64 2.26 23.19
N LYS B 538 -1.03 2.34 24.47
CA LYS B 538 -0.22 3.03 25.47
C LYS B 538 1.15 2.38 25.60
N PHE B 539 1.20 1.05 25.68
CA PHE B 539 2.47 0.34 25.77
C PHE B 539 3.31 0.60 24.52
N LEU B 540 2.72 0.43 23.34
CA LEU B 540 3.45 0.66 22.10
C LEU B 540 4.05 2.07 22.07
N ILE B 541 3.26 3.07 22.43
CA ILE B 541 3.78 4.44 22.55
C ILE B 541 5.05 4.45 23.39
N SER B 542 4.95 3.90 24.61
CA SER B 542 6.05 3.90 25.56
C SER B 542 7.30 3.21 25.01
N LYS B 543 7.19 2.43 23.94
CA LYS B 543 8.33 1.76 23.35
C LYS B 543 8.94 2.55 22.19
N ASN B 544 8.74 3.87 22.17
CA ASN B 544 9.34 4.76 21.18
C ASN B 544 9.11 4.23 19.76
N ILE B 545 7.83 4.15 19.38
CA ILE B 545 7.41 3.76 18.05
C ILE B 545 6.55 4.85 17.46
N ALA B 546 6.68 5.06 16.15
CA ALA B 546 5.92 6.09 15.45
C ALA B 546 4.43 5.93 15.73
N HIS B 547 3.76 7.05 16.03
CA HIS B 547 2.37 7.01 16.45
C HIS B 547 1.43 6.59 15.32
N PHE B 548 1.84 6.75 14.06
CA PHE B 548 1.01 6.32 12.94
C PHE B 548 1.15 4.83 12.64
N LYS B 549 1.91 4.09 13.45
CA LYS B 549 2.18 2.69 13.21
C LYS B 549 1.53 1.77 14.23
N ILE B 550 0.83 2.30 15.22
CA ILE B 550 0.24 1.47 16.27
C ILE B 550 -1.18 1.08 15.85
N PRO B 551 -1.71 -0.04 16.32
CA PRO B 551 -2.95 -0.58 15.73
C PRO B 551 -4.16 0.31 16.01
N ASP B 552 -5.05 0.37 15.02
CA ASP B 552 -6.31 1.09 15.14
C ASP B 552 -7.43 0.23 15.74
N GLU B 553 -7.22 -1.07 15.84
CA GLU B 553 -8.21 -2.00 16.36
C GLU B 553 -7.48 -3.24 16.85
N ILE B 554 -8.17 -4.02 17.69
CA ILE B 554 -7.67 -5.30 18.16
C ILE B 554 -8.82 -6.30 18.17
N GLU B 555 -8.46 -7.58 18.30
CA GLU B 555 -9.44 -8.65 18.37
C GLU B 555 -8.83 -9.76 19.23
N VAL B 556 -9.26 -9.84 20.49
CA VAL B 556 -8.80 -10.88 21.40
C VAL B 556 -9.47 -12.19 21.01
N VAL B 557 -8.74 -13.06 20.32
CA VAL B 557 -9.23 -14.34 19.83
C VAL B 557 -8.67 -15.45 20.70
N ALA B 558 -8.88 -16.70 20.30
CA ALA B 558 -8.32 -17.84 21.02
C ALA B 558 -7.71 -18.84 20.05
O17 DBH C . -16.71 12.49 0.35
C21 DBH C . -17.47 11.77 -0.36
O9 DBH C . -17.03 10.77 -0.97
C18 DBH C . -18.92 12.15 -0.57
C15 DBH C . -19.73 11.31 -1.31
C12 DBH C . -21.05 11.65 -1.54
C3 DBH C . -19.42 13.33 -0.03
O3 DBH C . -18.58 14.16 0.72
C6 DBH C . -20.74 13.65 -0.25
C9 DBH C . -21.55 12.82 -1.00
O6 DBH C . -21.26 14.82 0.29
HC15 DBH C . -19.32 10.40 -1.73
HC12 DBH C . -21.68 11.00 -2.13
HO3 DBH C . -18.99 15.00 0.85
HC9 DBH C . -22.59 13.08 -1.17
HO6 DBH C . -20.69 15.55 0.06
C1 EDO D . -24.47 29.65 15.11
O1 EDO D . -25.26 28.45 15.00
C2 EDO D . -25.03 30.58 16.18
O2 EDO D . -26.37 30.99 15.83
H11 EDO D . -24.45 30.15 14.14
H12 EDO D . -23.44 29.38 15.36
HO1 EDO D . -25.08 28.01 14.16
H21 EDO D . -24.39 31.47 16.27
H22 EDO D . -25.04 30.08 17.15
HO2 EDO D . -26.85 31.22 16.64
O17 DBH E . 10.88 -16.59 -2.57
C21 DBH E . 12.08 -16.91 -2.82
O9 DBH E . 13.04 -16.18 -2.47
C18 DBH E . 12.37 -18.22 -3.52
C15 DBH E . 11.31 -18.94 -4.06
C12 DBH E . 11.55 -20.15 -4.68
C3 DBH E . 13.66 -18.69 -3.58
O3 DBH E . 14.72 -17.97 -3.03
C6 DBH E . 13.89 -19.92 -4.20
C9 DBH E . 12.85 -20.64 -4.74
O6 DBH E . 15.20 -20.40 -4.27
HC15 DBH E . 10.29 -18.55 -4.01
HC12 DBH E . 10.74 -20.72 -5.11
HO3 DBH E . 14.92 -18.30 -2.17
HC9 DBH E . 13.04 -21.59 -5.23
HO6 DBH E . 15.61 -20.05 -5.04
C1 EDO F . 27.55 -11.88 -31.08
O1 EDO F . 27.53 -11.75 -29.65
C2 EDO F . 27.30 -13.35 -31.37
O2 EDO F . 27.23 -14.03 -30.11
H11 EDO F . 28.53 -11.57 -31.47
H12 EDO F . 26.79 -11.26 -31.55
HO1 EDO F . 27.02 -10.96 -29.41
H21 EDO F . 28.12 -13.77 -31.97
H22 EDO F . 26.37 -13.48 -31.92
HO2 EDO F . 27.25 -14.99 -30.25
#